data_7QW9
#
_entry.id   7QW9
#
_cell.length_a   1.00
_cell.length_b   1.00
_cell.length_c   1.00
_cell.angle_alpha   90.00
_cell.angle_beta   90.00
_cell.angle_gamma   90.00
#
_symmetry.space_group_name_H-M   'P 1'
#
loop_
_entity.id
_entity.type
_entity.pdbx_description
1 polymer 'Capsid protein VP1'
2 polymer 'Capsid protein VP2'
3 polymer 'Capsid protein VP3'
4 polymer 'Capsid protein VP4'
5 non-polymer 'STEARIC ACID'
6 non-polymer 'MYRISTIC ACID'
#
loop_
_entity_poly.entity_id
_entity_poly.type
_entity_poly.pdbx_seq_one_letter_code
_entity_poly.pdbx_strand_id
1 'polypeptide(L)'
;DPISNAIENAVSTLADTTISRVTAANTAASSHSLGTGRVPALQAAETGASSNASDENLIETRCVMNRNGVNEASVEHFYS
RAGLVGVVEVKDSGTSQDGYTVWPIDVMGFVQQRRKLELSTYMRFDAEFTFVSNLNDSTTPGMLLQYMYVPPGAPKPDGR
KSYQWQTATNPSIFAKLSDPPPQVSVPFMSPASAYQWFYDGYPTFGEHKQATNLQYGQCPNNMMGHFAIRTVSESTTGKN
VHVRVYMRIKHVRAWVPRPFRSQAYMVKNYPTYSQTISNTAADRASITTTDYEGGVPANPQRTF
;
A
2 'polypeptide(L)'
;SPSVEACGYSDRVAQLTVGNSTITTQEAANIVLSYGEWPGYCPSTDATAVDKPTRPDVSVNRFYTLSTKSWKTESTGWYW
KFPDVLNDTGVFGQNAQFHYLYRSGFCMHVQCNASKFHQGALLVVVIPEFVVAASSPATKPNGQGLYPDFAHTNPGKEGQ
VFRDPYVLDAGIPLSQALVFPHQWINLRTNNCATIIMPYVNALPFDSALNHSNFGLAVIPISPLKYCNGATTEVPITLTI
APLNSEFSGLRQAIKQ
;
B
3 'polypeptide(L)'
;GLPTELKPGTNQFLTTDDGTSPPILPGFEPTPLIHIPGEFTSLLDLCRIETILEVNNTTGTTGVNRLLIPVRAQNNVDQL
CASFQVDPGRNGPWQSTMVGQICRYYTQWSGSLKVTFMFTGSFMATGKMLIAYTPPGSAQPTTREAAMLGTHIVWDFGLQ
SSVTLVIPWISNTHFRAVKTGGVYDYYATGIVTIWYQTNFVVPPDTPSEANIIALGAAQENFTLKLCKDTDEIRQTAEYQ
N
;
C
4 'polypeptide(L)' GAQVSAQKSGTHETGNIATEGSTINFTNINYYKDSYAASASRQDFTQDPTKFTSPVLDAIKEAAAPLQ D
#
# COMPACT_ATOMS: atom_id res chain seq x y z
N ASN A 9 -9.72 -40.88 -9.93
CA ASN A 9 -11.07 -40.20 -9.78
C ASN A 9 -10.92 -38.98 -8.84
N ALA A 10 -11.93 -38.71 -7.99
CA ALA A 10 -11.87 -37.84 -6.79
C ALA A 10 -10.81 -38.31 -5.77
N VAL A 11 -10.26 -39.54 -5.89
CA VAL A 11 -9.13 -40.01 -5.03
C VAL A 11 -7.85 -39.25 -5.45
N SER A 12 -7.51 -39.31 -6.74
CA SER A 12 -6.39 -38.51 -7.33
C SER A 12 -6.51 -37.05 -6.90
N THR A 13 -7.74 -36.53 -6.78
CA THR A 13 -8.03 -35.13 -6.38
C THR A 13 -7.50 -34.87 -4.96
N LEU A 14 -7.76 -35.77 -4.00
CA LEU A 14 -7.30 -35.67 -2.59
C LEU A 14 -5.76 -35.76 -2.49
N ALA A 15 -5.12 -36.65 -3.27
CA ALA A 15 -3.63 -36.79 -3.35
C ALA A 15 -2.95 -35.42 -3.55
N ASP A 16 -3.43 -34.62 -4.52
CA ASP A 16 -2.83 -33.30 -4.89
C ASP A 16 -3.61 -32.19 -4.15
N THR A 17 -3.60 -32.21 -2.81
CA THR A 17 -4.25 -31.16 -1.96
C THR A 17 -3.27 -30.51 -0.98
N THR A 18 -2.25 -31.25 -0.52
CA THR A 18 -1.10 -30.68 0.24
C THR A 18 -0.54 -29.48 -0.53
N ILE A 19 -0.36 -28.34 0.15
CA ILE A 19 0.27 -27.11 -0.42
C ILE A 19 1.65 -27.51 -0.97
N SER A 20 1.85 -27.37 -2.28
CA SER A 20 3.14 -27.65 -2.97
C SER A 20 4.09 -26.48 -2.73
N ARG A 21 5.40 -26.76 -2.75
CA ARG A 21 6.48 -25.74 -2.63
C ARG A 21 6.73 -25.08 -4.01
N VAL A 22 6.42 -23.79 -4.12
CA VAL A 22 6.94 -22.91 -5.21
C VAL A 22 8.24 -22.26 -4.72
N THR A 23 9.34 -22.46 -5.45
CA THR A 23 10.69 -21.96 -5.07
C THR A 23 10.82 -20.49 -5.52
N ALA A 24 11.81 -19.75 -5.01
CA ALA A 24 12.15 -18.37 -5.44
C ALA A 24 13.09 -18.42 -6.65
N ALA A 25 13.31 -17.25 -7.28
CA ALA A 25 14.04 -17.16 -8.56
C ALA A 25 15.50 -17.53 -8.31
N ASN A 26 16.07 -18.36 -9.18
CA ASN A 26 17.45 -18.90 -9.07
C ASN A 26 18.41 -17.84 -9.57
N THR A 27 19.66 -17.89 -9.16
CA THR A 27 20.74 -17.02 -9.66
C THR A 27 21.57 -17.81 -10.68
N ALA A 28 21.98 -17.19 -11.78
CA ALA A 28 22.85 -17.83 -12.79
C ALA A 28 24.27 -17.31 -12.61
N ALA A 29 25.26 -18.12 -12.93
CA ALA A 29 26.69 -17.76 -12.81
C ALA A 29 26.97 -16.65 -13.81
N SER A 30 27.74 -15.64 -13.42
CA SER A 30 28.08 -14.49 -14.28
C SER A 30 29.58 -14.16 -14.17
N SER A 31 30.16 -13.64 -15.23
CA SER A 31 31.59 -13.24 -15.25
C SER A 31 31.70 -11.73 -15.50
N HIS A 32 32.90 -11.21 -15.71
CA HIS A 32 33.16 -9.76 -15.87
C HIS A 32 32.64 -9.33 -17.24
N SER A 33 32.23 -8.07 -17.38
CA SER A 33 31.73 -7.47 -18.63
C SER A 33 32.43 -6.12 -18.85
N LEU A 34 33.60 -6.13 -19.48
CA LEU A 34 34.37 -4.91 -19.81
C LEU A 34 34.00 -4.45 -21.22
N GLY A 35 32.78 -3.99 -21.45
CA GLY A 35 32.42 -3.34 -22.74
C GLY A 35 31.61 -2.07 -22.57
N THR A 36 31.72 -1.14 -23.52
CA THR A 36 30.80 0.04 -23.61
C THR A 36 29.46 -0.38 -24.24
N GLY A 37 28.40 0.41 -24.02
CA GLY A 37 27.09 0.25 -24.68
C GLY A 37 26.09 -0.46 -23.79
N ARG A 38 26.52 -1.45 -23.04
CA ARG A 38 25.68 -2.28 -22.14
C ARG A 38 25.84 -1.73 -20.73
N VAL A 39 24.77 -1.12 -20.16
CA VAL A 39 24.81 -0.42 -18.84
C VAL A 39 23.62 -0.84 -17.99
N PRO A 40 23.60 -2.08 -17.44
CA PRO A 40 22.49 -2.50 -16.60
C PRO A 40 22.25 -1.64 -15.36
N ALA A 41 23.31 -1.08 -14.76
CA ALA A 41 23.24 -0.31 -13.51
C ALA A 41 22.41 0.95 -13.70
N LEU A 42 22.60 1.65 -14.80
CA LEU A 42 21.94 2.96 -15.06
C LEU A 42 20.46 2.71 -15.24
N GLN A 43 19.63 3.41 -14.47
CA GLN A 43 18.15 3.31 -14.54
C GLN A 43 17.60 4.72 -14.70
N ALA A 44 16.28 4.84 -14.73
CA ALA A 44 15.58 6.14 -14.76
C ALA A 44 14.35 6.02 -13.89
N ALA A 45 14.48 6.37 -12.60
CA ALA A 45 13.38 6.29 -11.62
C ALA A 45 12.28 7.23 -12.08
N GLU A 46 12.64 8.30 -12.79
CA GLU A 46 11.67 9.30 -13.30
C GLU A 46 10.59 8.60 -14.11
N THR A 47 10.89 7.54 -14.85
CA THR A 47 9.91 6.88 -15.75
C THR A 47 8.77 6.31 -14.91
N GLY A 48 9.01 6.04 -13.63
CA GLY A 48 8.00 5.55 -12.69
C GLY A 48 8.14 4.06 -12.47
N ALA A 49 8.92 3.38 -13.30
CA ALA A 49 9.23 1.94 -13.21
C ALA A 49 10.36 1.70 -12.21
N SER A 50 10.28 0.58 -11.48
CA SER A 50 11.34 0.06 -10.58
C SER A 50 12.52 -0.41 -11.43
N SER A 51 13.73 -0.39 -10.87
CA SER A 51 14.97 -0.83 -11.54
C SER A 51 14.79 -2.25 -12.09
N ASN A 52 15.23 -2.54 -13.31
CA ASN A 52 15.12 -3.90 -13.88
C ASN A 52 16.43 -4.67 -13.66
N ALA A 53 17.47 -4.07 -13.04
CA ALA A 53 18.83 -4.63 -12.89
C ALA A 53 18.81 -5.87 -11.99
N SER A 54 19.49 -6.95 -12.40
CA SER A 54 19.62 -8.21 -11.64
C SER A 54 20.99 -8.27 -10.97
N ASP A 55 21.12 -9.07 -9.91
CA ASP A 55 22.42 -9.35 -9.25
C ASP A 55 23.45 -9.74 -10.32
N GLU A 56 23.14 -10.66 -11.25
CA GLU A 56 24.11 -11.26 -12.21
C GLU A 56 24.80 -10.19 -13.05
N ASN A 57 24.19 -9.03 -13.29
CA ASN A 57 24.77 -7.97 -14.17
C ASN A 57 25.60 -6.95 -13.39
N LEU A 58 25.35 -6.74 -12.11
CA LEU A 58 26.05 -5.75 -11.27
C LEU A 58 27.32 -6.35 -10.66
N ILE A 59 27.35 -7.63 -10.30
CA ILE A 59 28.53 -8.29 -9.68
C ILE A 59 28.68 -9.66 -10.30
N GLU A 60 29.80 -10.32 -10.06
CA GLU A 60 30.03 -11.71 -10.53
C GLU A 60 29.32 -12.60 -9.54
N THR A 61 28.32 -13.33 -9.99
CA THR A 61 27.52 -14.25 -9.16
C THR A 61 27.94 -15.65 -9.53
N ARG A 62 27.73 -16.60 -8.63
CA ARG A 62 27.78 -18.05 -8.89
C ARG A 62 26.39 -18.54 -9.25
N CYS A 63 26.28 -19.76 -9.75
CA CYS A 63 24.99 -20.43 -9.92
C CYS A 63 24.45 -20.82 -8.55
N VAL A 64 23.27 -20.32 -8.18
CA VAL A 64 22.51 -20.77 -6.99
C VAL A 64 21.16 -21.31 -7.45
N MET A 65 20.86 -22.57 -7.13
CA MET A 65 19.54 -23.15 -7.40
C MET A 65 18.72 -23.02 -6.14
N ASN A 66 18.15 -21.84 -5.98
CA ASN A 66 17.39 -21.35 -4.81
C ASN A 66 16.21 -22.30 -4.58
N ARG A 67 16.07 -22.81 -3.36
CA ARG A 67 15.01 -23.76 -2.94
C ARG A 67 14.16 -23.16 -1.83
N ASN A 68 14.20 -21.85 -1.64
CA ASN A 68 13.46 -21.15 -0.56
C ASN A 68 12.02 -21.05 -1.04
N GLY A 69 11.04 -21.22 -0.16
CA GLY A 69 9.62 -21.30 -0.56
C GLY A 69 9.00 -19.93 -0.48
N VAL A 70 8.12 -19.57 -1.41
CA VAL A 70 7.47 -18.23 -1.47
C VAL A 70 5.97 -18.32 -1.17
N ASN A 71 5.46 -19.48 -0.75
CA ASN A 71 4.01 -19.80 -0.76
C ASN A 71 3.26 -19.02 0.29
N GLU A 72 3.98 -18.40 1.23
CA GLU A 72 3.46 -17.81 2.48
C GLU A 72 3.30 -16.29 2.37
N ALA A 73 4.00 -15.66 1.44
CA ALA A 73 3.74 -14.26 1.07
C ALA A 73 2.63 -14.24 0.02
N SER A 74 1.44 -14.75 0.33
CA SER A 74 0.21 -14.67 -0.50
C SER A 74 -0.85 -13.88 0.24
N VAL A 75 -1.76 -13.23 -0.47
CA VAL A 75 -2.86 -12.49 0.20
C VAL A 75 -3.73 -13.51 0.91
N GLU A 76 -3.80 -14.76 0.44
CA GLU A 76 -4.53 -15.82 1.16
C GLU A 76 -3.89 -16.01 2.52
N HIS A 77 -2.61 -16.36 2.57
CA HIS A 77 -1.87 -16.67 3.82
C HIS A 77 -1.75 -15.46 4.74
N PHE A 78 -1.45 -14.29 4.20
CA PHE A 78 -1.27 -13.04 4.96
C PHE A 78 -2.52 -12.76 5.78
N TYR A 79 -3.72 -12.95 5.21
CA TYR A 79 -4.99 -12.52 5.82
C TYR A 79 -5.77 -13.66 6.46
N SER A 80 -5.56 -14.92 6.04
CA SER A 80 -6.27 -16.10 6.58
C SER A 80 -5.76 -16.42 7.99
N ARG A 81 -6.00 -15.53 8.93
CA ARG A 81 -5.56 -15.61 10.34
C ARG A 81 -6.57 -14.81 11.17
N ALA A 82 -7.29 -15.45 12.08
CA ALA A 82 -8.35 -14.78 12.86
C ALA A 82 -7.73 -13.66 13.70
N GLY A 83 -8.32 -12.47 13.71
CA GLY A 83 -7.88 -11.35 14.57
C GLY A 83 -9.06 -10.69 15.25
N LEU A 84 -8.84 -10.09 16.42
CA LEU A 84 -9.92 -9.41 17.18
C LEU A 84 -10.48 -8.25 16.37
N VAL A 85 -11.79 -8.25 16.13
CA VAL A 85 -12.48 -7.18 15.36
C VAL A 85 -13.52 -6.49 16.22
N GLY A 86 -13.88 -7.04 17.37
CA GLY A 86 -14.89 -6.41 18.25
C GLY A 86 -14.87 -7.01 19.64
N VAL A 87 -15.12 -6.19 20.66
CA VAL A 87 -15.44 -6.68 22.03
C VAL A 87 -16.80 -6.14 22.42
N VAL A 88 -17.81 -6.99 22.47
CA VAL A 88 -19.21 -6.67 22.89
C VAL A 88 -19.33 -6.98 24.37
N GLU A 89 -19.70 -6.00 25.18
CA GLU A 89 -19.96 -6.23 26.61
C GLU A 89 -21.47 -6.32 26.83
N VAL A 90 -22.00 -7.51 27.15
CA VAL A 90 -23.44 -7.73 27.49
C VAL A 90 -23.60 -7.36 28.97
N LYS A 91 -23.84 -6.08 29.25
CA LYS A 91 -23.99 -5.57 30.63
C LYS A 91 -25.33 -6.02 31.21
N ASP A 92 -25.32 -6.62 32.39
CA ASP A 92 -26.57 -6.98 33.11
C ASP A 92 -26.47 -6.70 34.61
N SER A 93 -25.70 -5.71 35.03
CA SER A 93 -25.48 -5.40 36.48
C SER A 93 -25.31 -3.89 36.68
N GLY A 94 -25.55 -3.43 37.92
CA GLY A 94 -25.41 -2.02 38.31
C GLY A 94 -26.38 -1.14 37.56
N THR A 95 -25.90 -0.04 36.97
CA THR A 95 -26.74 0.90 36.18
C THR A 95 -27.21 0.21 34.87
N SER A 96 -26.35 -0.61 34.25
CA SER A 96 -26.64 -1.29 32.94
C SER A 96 -27.17 -2.71 33.14
N GLN A 97 -28.46 -2.85 33.43
CA GLN A 97 -29.10 -4.19 33.62
C GLN A 97 -29.93 -4.55 32.39
N ASP A 98 -29.48 -4.19 31.19
CA ASP A 98 -30.20 -4.46 29.92
C ASP A 98 -30.18 -5.97 29.64
N GLY A 99 -29.04 -6.60 29.85
CA GLY A 99 -28.86 -8.04 29.57
C GLY A 99 -28.85 -8.35 28.08
N TYR A 100 -28.63 -7.35 27.23
CA TYR A 100 -28.50 -7.48 25.76
C TYR A 100 -27.66 -6.32 25.24
N THR A 101 -26.97 -6.50 24.12
CA THR A 101 -26.21 -5.42 23.42
C THR A 101 -26.26 -5.64 21.92
N VAL A 102 -26.44 -4.57 21.16
CA VAL A 102 -26.40 -4.58 19.68
C VAL A 102 -25.14 -3.87 19.25
N TRP A 103 -24.21 -4.61 18.66
CA TRP A 103 -22.85 -4.16 18.29
C TRP A 103 -22.76 -3.93 16.78
N PRO A 104 -22.53 -2.69 16.29
CA PRO A 104 -22.36 -2.46 14.85
C PRO A 104 -21.15 -3.23 14.30
N ILE A 105 -21.39 -4.07 13.29
CA ILE A 105 -20.35 -4.95 12.70
C ILE A 105 -19.40 -4.06 11.90
N ASP A 106 -18.20 -3.84 12.42
CA ASP A 106 -17.14 -3.11 11.70
C ASP A 106 -15.80 -3.73 12.09
N VAL A 107 -14.87 -3.79 11.16
CA VAL A 107 -13.57 -4.48 11.37
C VAL A 107 -12.45 -3.46 11.52
N MET A 108 -12.79 -2.16 11.54
CA MET A 108 -11.83 -1.03 11.55
C MET A 108 -11.62 -0.55 13.00
N GLY A 109 -12.00 -1.38 13.98
CA GLY A 109 -12.00 -1.02 15.41
C GLY A 109 -10.64 -1.22 16.07
N PHE A 110 -9.89 -2.25 15.68
CA PHE A 110 -8.61 -2.64 16.33
C PHE A 110 -7.47 -2.54 15.34
N VAL A 111 -6.35 -1.97 15.77
CA VAL A 111 -5.21 -1.59 14.88
C VAL A 111 -4.71 -2.80 14.10
N GLN A 112 -4.55 -3.95 14.73
CA GLN A 112 -3.70 -5.01 14.15
C GLN A 112 -4.38 -5.52 12.89
N GLN A 113 -5.70 -5.59 12.91
CA GLN A 113 -6.53 -6.14 11.79
C GLN A 113 -6.76 -5.01 10.80
N ARG A 114 -7.10 -3.83 11.31
CA ARG A 114 -7.39 -2.63 10.48
C ARG A 114 -6.24 -2.38 9.55
N ARG A 115 -5.03 -2.32 10.09
CA ARG A 115 -3.81 -1.91 9.38
C ARG A 115 -3.50 -2.95 8.30
N LYS A 116 -3.64 -4.24 8.60
CA LYS A 116 -3.46 -5.31 7.60
C LYS A 116 -4.44 -5.10 6.45
N LEU A 117 -5.74 -4.94 6.73
CA LEU A 117 -6.81 -4.88 5.70
C LEU A 117 -6.63 -3.62 4.86
N GLU A 118 -6.09 -2.54 5.43
CA GLU A 118 -5.97 -1.24 4.72
C GLU A 118 -4.72 -1.25 3.85
N LEU A 119 -4.02 -2.38 3.73
CA LEU A 119 -2.97 -2.53 2.71
C LEU A 119 -3.64 -2.47 1.35
N SER A 120 -4.87 -2.99 1.23
CA SER A 120 -5.68 -2.95 -0.02
C SER A 120 -6.68 -1.82 0.02
N THR A 121 -7.12 -1.35 -1.14
CA THR A 121 -8.27 -0.42 -1.27
C THR A 121 -9.56 -1.22 -1.33
N TYR A 122 -9.60 -2.23 -2.19
CA TYR A 122 -10.78 -3.10 -2.41
C TYR A 122 -10.46 -4.51 -2.03
N MET A 123 -11.38 -5.24 -1.41
CA MET A 123 -11.18 -6.65 -1.05
C MET A 123 -12.50 -7.37 -1.13
N ARG A 124 -12.49 -8.56 -1.69
CA ARG A 124 -13.66 -9.43 -1.73
C ARG A 124 -13.27 -10.70 -1.02
N PHE A 125 -13.90 -11.01 0.12
CA PHE A 125 -13.59 -12.22 0.90
C PHE A 125 -14.82 -12.76 1.58
N ASP A 126 -14.89 -14.07 1.80
CA ASP A 126 -15.75 -14.70 2.83
C ASP A 126 -15.01 -14.60 4.16
N ALA A 127 -15.71 -14.49 5.27
CA ALA A 127 -15.06 -14.46 6.60
C ALA A 127 -15.61 -15.59 7.46
N GLU A 128 -14.84 -16.03 8.42
CA GLU A 128 -15.26 -16.96 9.50
C GLU A 128 -15.21 -16.20 10.83
N PHE A 129 -16.32 -16.12 11.56
CA PHE A 129 -16.49 -15.36 12.82
C PHE A 129 -16.52 -16.33 13.99
N THR A 130 -15.66 -16.15 14.99
CA THR A 130 -15.63 -16.95 16.23
C THR A 130 -15.97 -16.06 17.41
N PHE A 131 -16.82 -16.52 18.32
CA PHE A 131 -17.22 -15.77 19.52
C PHE A 131 -16.62 -16.42 20.78
N VAL A 132 -15.49 -15.91 21.23
CA VAL A 132 -14.90 -16.29 22.54
C VAL A 132 -15.64 -15.46 23.59
N SER A 133 -16.48 -16.08 24.40
CA SER A 133 -17.31 -15.41 25.43
C SER A 133 -16.94 -15.92 26.81
N ASN A 134 -16.91 -15.07 27.84
CA ASN A 134 -16.53 -15.45 29.22
C ASN A 134 -17.02 -14.36 30.18
N LEU A 135 -16.76 -14.50 31.48
CA LEU A 135 -17.17 -13.52 32.52
C LEU A 135 -15.99 -12.63 32.87
N ASN A 136 -16.13 -11.75 33.87
CA ASN A 136 -15.06 -10.83 34.35
C ASN A 136 -13.90 -11.65 34.95
N ASP A 137 -14.18 -12.80 35.58
CA ASP A 137 -13.15 -13.66 36.22
C ASP A 137 -12.65 -14.73 35.24
N SER A 138 -12.76 -14.49 33.94
CA SER A 138 -12.41 -15.45 32.86
C SER A 138 -13.10 -16.81 33.04
N THR A 139 -14.21 -16.91 33.76
CA THR A 139 -14.93 -18.19 34.02
C THR A 139 -16.01 -18.37 32.95
N THR A 140 -16.29 -19.61 32.54
CA THR A 140 -17.32 -19.95 31.52
C THR A 140 -18.34 -20.90 32.15
N PRO A 141 -19.35 -20.40 32.91
CA PRO A 141 -20.41 -21.27 33.45
C PRO A 141 -21.39 -21.72 32.36
N GLY A 142 -22.37 -22.55 32.74
CA GLY A 142 -23.40 -23.06 31.83
C GLY A 142 -24.43 -22.00 31.52
N MET A 143 -24.03 -20.87 30.94
CA MET A 143 -24.90 -19.69 30.80
C MET A 143 -25.25 -19.52 29.34
N LEU A 144 -26.52 -19.64 28.97
CA LEU A 144 -26.96 -19.65 27.55
C LEU A 144 -26.99 -18.25 26.98
N LEU A 145 -26.47 -18.07 25.76
CA LEU A 145 -26.32 -16.74 25.08
C LEU A 145 -26.84 -16.87 23.66
N GLN A 146 -27.51 -15.83 23.14
CA GLN A 146 -28.03 -15.83 21.76
C GLN A 146 -27.29 -14.76 20.97
N TYR A 147 -26.61 -15.17 19.91
CA TYR A 147 -25.90 -14.28 18.97
C TYR A 147 -26.79 -14.22 17.74
N MET A 148 -27.43 -13.10 17.47
CA MET A 148 -28.29 -12.94 16.30
C MET A 148 -27.71 -11.90 15.35
N TYR A 149 -27.42 -12.32 14.12
CA TYR A 149 -26.95 -11.41 13.04
C TYR A 149 -28.18 -10.66 12.56
N VAL A 150 -28.16 -9.33 12.56
CA VAL A 150 -29.28 -8.44 12.18
C VAL A 150 -28.83 -7.69 10.94
N PRO A 151 -29.18 -8.16 9.72
CA PRO A 151 -28.79 -7.49 8.49
C PRO A 151 -29.32 -6.08 8.43
N PRO A 152 -28.72 -5.17 7.62
CA PRO A 152 -29.12 -3.76 7.57
C PRO A 152 -30.61 -3.62 7.28
N GLY A 153 -31.39 -3.04 8.19
CA GLY A 153 -32.84 -2.81 7.97
C GLY A 153 -33.71 -3.84 8.68
N ALA A 154 -33.16 -4.98 9.09
CA ALA A 154 -33.81 -5.90 10.05
C ALA A 154 -34.02 -5.10 11.33
N PRO A 155 -35.18 -5.21 12.02
CA PRO A 155 -35.39 -4.51 13.29
C PRO A 155 -34.39 -4.96 14.36
N LYS A 156 -33.78 -4.00 15.07
CA LYS A 156 -32.81 -4.25 16.16
C LYS A 156 -33.57 -4.43 17.46
N PRO A 157 -33.27 -5.45 18.30
CA PRO A 157 -33.97 -5.62 19.57
C PRO A 157 -33.85 -4.42 20.50
N ASP A 158 -34.93 -4.06 21.20
CA ASP A 158 -34.97 -2.92 22.14
C ASP A 158 -35.10 -3.42 23.59
N GLY A 159 -35.10 -4.74 23.80
CA GLY A 159 -35.24 -5.33 25.16
C GLY A 159 -34.76 -6.75 25.22
N ARG A 160 -34.47 -7.25 26.42
CA ARG A 160 -33.96 -8.61 26.67
C ARG A 160 -34.92 -9.62 26.04
N LYS A 161 -36.20 -9.51 26.39
CA LYS A 161 -37.30 -10.29 25.77
C LYS A 161 -38.13 -9.33 24.93
N SER A 162 -37.79 -9.22 23.67
CA SER A 162 -38.57 -8.53 22.61
C SER A 162 -38.86 -9.53 21.52
N TYR A 163 -39.74 -9.19 20.60
CA TYR A 163 -40.23 -10.12 19.57
C TYR A 163 -39.11 -10.36 18.56
N GLN A 164 -38.13 -9.45 18.51
CA GLN A 164 -37.04 -9.50 17.50
C GLN A 164 -36.16 -10.73 17.70
N TRP A 165 -36.19 -11.36 18.87
CA TRP A 165 -35.36 -12.56 19.17
C TRP A 165 -36.06 -13.85 18.75
N GLN A 166 -37.19 -13.80 18.06
CA GLN A 166 -37.85 -15.02 17.55
C GLN A 166 -37.03 -15.59 16.40
N THR A 167 -36.38 -14.75 15.60
CA THR A 167 -35.43 -15.13 14.51
C THR A 167 -36.14 -16.03 13.51
N ALA A 168 -37.30 -15.65 12.97
CA ALA A 168 -37.94 -16.48 11.93
C ALA A 168 -36.98 -16.51 10.74
N THR A 169 -36.32 -15.39 10.43
CA THR A 169 -35.43 -15.26 9.24
C THR A 169 -34.00 -14.84 9.61
N ASN A 170 -33.80 -13.91 10.54
CA ASN A 170 -32.46 -13.53 11.05
C ASN A 170 -31.69 -14.78 11.48
N PRO A 171 -30.45 -15.02 11.00
CA PRO A 171 -29.63 -16.11 11.52
C PRO A 171 -29.17 -15.84 12.95
N SER A 172 -29.45 -16.73 13.89
CA SER A 172 -28.95 -16.61 15.28
C SER A 172 -28.19 -17.87 15.68
N ILE A 173 -27.37 -17.79 16.73
CA ILE A 173 -26.53 -18.90 17.26
C ILE A 173 -26.76 -18.94 18.76
N PHE A 174 -27.35 -20.02 19.26
CA PHE A 174 -27.47 -20.36 20.70
C PHE A 174 -26.26 -21.17 21.12
N ALA A 175 -25.53 -20.74 22.14
CA ALA A 175 -24.41 -21.50 22.74
C ALA A 175 -24.33 -21.16 24.21
N LYS A 176 -23.82 -22.08 25.02
CA LYS A 176 -23.50 -21.84 26.44
C LYS A 176 -22.09 -21.26 26.49
N LEU A 177 -21.77 -20.41 27.46
CA LEU A 177 -20.37 -19.97 27.68
C LEU A 177 -19.49 -21.20 27.89
N SER A 178 -20.04 -22.25 28.52
CA SER A 178 -19.39 -23.55 28.83
C SER A 178 -18.83 -24.25 27.58
N ASP A 179 -19.45 -24.07 26.40
CA ASP A 179 -19.11 -24.79 25.14
C ASP A 179 -17.92 -24.15 24.46
N PRO A 180 -17.20 -24.88 23.56
CA PRO A 180 -16.13 -24.28 22.75
C PRO A 180 -16.66 -23.16 21.88
N PRO A 181 -15.86 -22.15 21.45
CA PRO A 181 -16.45 -20.92 20.94
C PRO A 181 -17.27 -21.14 19.67
N PRO A 182 -18.47 -20.52 19.54
CA PRO A 182 -19.24 -20.64 18.30
C PRO A 182 -18.49 -20.10 17.07
N GLN A 183 -18.60 -20.74 15.92
CA GLN A 183 -17.93 -20.26 14.69
C GLN A 183 -18.91 -20.43 13.56
N VAL A 184 -18.91 -19.51 12.61
CA VAL A 184 -19.81 -19.61 11.43
C VAL A 184 -19.08 -19.04 10.22
N SER A 185 -19.40 -19.52 9.04
CA SER A 185 -18.93 -18.95 7.76
C SER A 185 -19.93 -17.89 7.34
N VAL A 186 -19.43 -16.75 6.88
CA VAL A 186 -20.22 -15.59 6.39
C VAL A 186 -19.80 -15.34 4.96
N PRO A 187 -20.72 -15.09 3.98
CA PRO A 187 -20.30 -14.88 2.61
C PRO A 187 -19.84 -13.46 2.34
N PHE A 188 -19.47 -13.14 1.10
CA PHE A 188 -19.18 -11.77 0.64
C PHE A 188 -20.52 -11.02 0.52
N MET A 189 -20.86 -10.23 1.52
CA MET A 189 -22.16 -9.54 1.62
C MET A 189 -21.93 -8.08 1.32
N SER A 190 -22.25 -7.61 0.13
CA SER A 190 -22.00 -6.19 -0.23
C SER A 190 -22.73 -5.92 -1.51
N PRO A 191 -23.50 -4.82 -1.63
CA PRO A 191 -24.07 -4.45 -2.92
C PRO A 191 -22.99 -4.29 -4.01
N ALA A 192 -21.83 -3.70 -3.67
CA ALA A 192 -20.72 -3.46 -4.62
C ALA A 192 -20.03 -4.76 -4.89
N SER A 193 -19.20 -4.81 -5.91
CA SER A 193 -18.55 -6.05 -6.35
C SER A 193 -17.39 -6.37 -5.41
N ALA A 194 -16.88 -5.44 -4.64
CA ALA A 194 -15.86 -5.74 -3.62
C ALA A 194 -16.07 -4.81 -2.44
N TYR A 195 -15.52 -5.10 -1.28
CA TYR A 195 -15.57 -4.16 -0.13
C TYR A 195 -14.62 -3.03 -0.45
N GLN A 196 -14.57 -2.00 0.39
CA GLN A 196 -13.82 -0.79 0.02
C GLN A 196 -13.47 -0.01 1.27
N TRP A 197 -12.26 -0.18 1.79
CA TRP A 197 -11.86 0.41 3.09
C TRP A 197 -11.72 1.93 2.97
N PHE A 198 -11.43 2.44 1.78
CA PHE A 198 -11.30 3.89 1.52
C PHE A 198 -12.34 4.26 0.48
N TYR A 199 -13.29 5.13 0.81
CA TYR A 199 -14.32 5.66 -0.11
C TYR A 199 -14.13 7.15 -0.14
N ASP A 200 -13.70 7.71 -1.25
CA ASP A 200 -13.35 9.15 -1.32
C ASP A 200 -14.58 9.83 -1.89
N GLY A 201 -15.55 10.14 -1.06
CA GLY A 201 -16.79 10.78 -1.49
C GLY A 201 -17.83 10.74 -0.41
N TYR A 202 -19.06 11.11 -0.73
CA TYR A 202 -20.20 11.18 0.22
C TYR A 202 -21.27 10.22 -0.24
N PRO A 203 -22.01 9.57 0.68
CA PRO A 203 -23.03 8.63 0.27
C PRO A 203 -24.29 9.31 -0.28
N THR A 204 -24.51 10.58 0.00
CA THR A 204 -25.74 11.30 -0.43
C THR A 204 -25.35 12.52 -1.24
N PHE A 205 -26.25 12.93 -2.12
CA PHE A 205 -26.17 14.24 -2.80
C PHE A 205 -26.49 15.32 -1.77
N GLY A 206 -25.96 16.49 -1.98
CA GLY A 206 -26.18 17.62 -1.07
C GLY A 206 -25.06 18.57 -1.32
N GLU A 207 -24.83 19.53 -0.44
CA GLU A 207 -23.71 20.50 -0.61
C GLU A 207 -22.68 20.32 0.51
N HIS A 208 -23.01 19.56 1.57
CA HIS A 208 -22.03 19.14 2.60
C HIS A 208 -21.41 20.38 3.24
N LYS A 209 -22.23 21.26 3.82
CA LYS A 209 -21.78 22.56 4.43
C LYS A 209 -22.04 22.53 5.94
N GLN A 210 -21.65 21.43 6.58
CA GLN A 210 -21.88 21.18 8.03
C GLN A 210 -20.57 21.50 8.77
N ALA A 211 -20.64 22.19 9.90
CA ALA A 211 -19.50 22.45 10.81
C ALA A 211 -18.77 21.13 11.17
N THR A 212 -19.41 19.97 10.98
CA THR A 212 -18.85 18.62 11.23
C THR A 212 -19.22 17.69 10.07
N ASN A 213 -18.28 17.50 9.13
CA ASN A 213 -18.51 16.73 7.88
C ASN A 213 -18.39 15.24 8.17
N LEU A 214 -19.29 14.67 8.98
CA LEU A 214 -19.30 13.24 9.40
C LEU A 214 -19.51 12.34 8.18
N GLN A 215 -20.39 12.76 7.28
CA GLN A 215 -20.84 11.94 6.15
C GLN A 215 -19.66 11.60 5.23
N TYR A 216 -18.58 12.38 5.21
CA TYR A 216 -17.47 12.19 4.25
C TYR A 216 -16.77 10.86 4.50
N GLY A 217 -16.63 10.05 3.46
CA GLY A 217 -15.82 8.81 3.51
C GLY A 217 -16.63 7.61 3.92
N GLN A 218 -17.95 7.74 4.15
CA GLN A 218 -18.79 6.66 4.74
C GLN A 218 -19.65 6.04 3.62
N CYS A 219 -19.18 4.93 3.05
CA CYS A 219 -19.92 4.13 2.04
C CYS A 219 -20.73 3.05 2.75
N PRO A 220 -22.07 2.99 2.60
CA PRO A 220 -22.82 1.90 3.21
C PRO A 220 -22.62 0.54 2.54
N ASN A 221 -21.90 0.45 1.41
CA ASN A 221 -21.54 -0.82 0.76
C ASN A 221 -20.78 -1.68 1.74
N ASN A 222 -20.16 -1.10 2.76
CA ASN A 222 -19.34 -1.83 3.77
C ASN A 222 -20.18 -2.15 5.01
N MET A 223 -20.98 -1.20 5.48
CA MET A 223 -21.80 -1.37 6.71
C MET A 223 -22.65 -2.63 6.52
N MET A 224 -22.39 -3.69 7.30
CA MET A 224 -23.06 -5.00 7.11
C MET A 224 -23.95 -5.35 8.30
N GLY A 225 -24.70 -4.40 8.86
CA GLY A 225 -25.69 -4.64 9.93
C GLY A 225 -25.07 -4.70 11.31
N HIS A 226 -25.69 -5.41 12.24
CA HIS A 226 -25.29 -5.50 13.67
C HIS A 226 -25.30 -6.98 14.08
N PHE A 227 -24.65 -7.33 15.19
CA PHE A 227 -24.89 -8.62 15.91
C PHE A 227 -25.53 -8.25 17.23
N ALA A 228 -26.70 -8.78 17.50
CA ALA A 228 -27.39 -8.56 18.77
C ALA A 228 -27.05 -9.75 19.65
N ILE A 229 -26.59 -9.52 20.87
CA ILE A 229 -26.19 -10.64 21.77
C ILE A 229 -26.91 -10.46 23.10
N ARG A 230 -27.63 -11.47 23.57
CA ARG A 230 -28.31 -11.44 24.89
C ARG A 230 -28.03 -12.71 25.67
N THR A 231 -28.17 -12.66 26.99
CA THR A 231 -28.29 -13.86 27.85
C THR A 231 -29.76 -14.25 27.83
N VAL A 232 -30.08 -15.47 27.39
CA VAL A 232 -31.48 -15.92 27.24
C VAL A 232 -32.03 -16.08 28.65
N SER A 233 -32.50 -15.02 29.29
CA SER A 233 -32.98 -15.01 30.70
C SER A 233 -34.31 -14.26 30.85
N GLU A 234 -34.91 -14.31 32.04
CA GLU A 234 -36.20 -13.65 32.36
C GLU A 234 -35.96 -12.32 33.07
N SER A 235 -34.81 -12.16 33.70
CA SER A 235 -34.54 -11.05 34.64
C SER A 235 -33.05 -10.81 34.67
N THR A 236 -32.62 -9.76 35.36
CA THR A 236 -31.20 -9.38 35.47
C THR A 236 -30.41 -10.54 36.10
N THR A 237 -29.35 -11.01 35.45
CA THR A 237 -28.49 -12.11 35.92
C THR A 237 -27.49 -11.54 36.92
N GLY A 238 -27.33 -10.22 36.96
CA GLY A 238 -26.32 -9.52 37.78
C GLY A 238 -24.88 -9.84 37.36
N LYS A 239 -24.66 -10.34 36.14
CA LYS A 239 -23.31 -10.69 35.62
C LYS A 239 -23.11 -10.09 34.23
N ASN A 240 -21.97 -9.42 34.01
CA ASN A 240 -21.57 -8.86 32.69
C ASN A 240 -20.83 -9.96 31.94
N VAL A 241 -21.06 -10.09 30.63
CA VAL A 241 -20.41 -11.09 29.73
C VAL A 241 -19.61 -10.33 28.67
N HIS A 242 -18.33 -10.68 28.48
CA HIS A 242 -17.47 -10.10 27.42
C HIS A 242 -17.49 -11.04 26.24
N VAL A 243 -17.77 -10.53 25.04
CA VAL A 243 -17.77 -11.35 23.81
C VAL A 243 -16.70 -10.77 22.87
N ARG A 244 -15.55 -11.43 22.83
CA ARG A 244 -14.47 -11.14 21.87
C ARG A 244 -14.86 -11.80 20.54
N VAL A 245 -15.09 -10.99 19.51
CA VAL A 245 -15.43 -11.43 18.14
C VAL A 245 -14.13 -11.52 17.35
N TYR A 246 -13.83 -12.66 16.73
CA TYR A 246 -12.60 -12.94 15.94
C TYR A 246 -12.97 -13.22 14.49
N MET A 247 -12.39 -12.48 13.55
CA MET A 247 -12.76 -12.59 12.13
C MET A 247 -11.55 -13.17 11.44
N ARG A 248 -11.73 -14.26 10.71
CA ARG A 248 -10.70 -14.83 9.82
C ARG A 248 -11.20 -14.71 8.40
N ILE A 249 -10.77 -13.69 7.66
CA ILE A 249 -10.96 -13.51 6.19
C ILE A 249 -10.59 -14.82 5.48
N LYS A 250 -11.27 -15.20 4.40
CA LYS A 250 -10.85 -16.31 3.50
C LYS A 250 -11.36 -16.11 2.08
N HIS A 251 -10.90 -16.91 1.13
CA HIS A 251 -11.29 -16.81 -0.30
C HIS A 251 -11.02 -15.40 -0.74
N VAL A 252 -9.83 -14.89 -0.46
CA VAL A 252 -9.55 -13.44 -0.46
C VAL A 252 -8.93 -13.03 -1.80
N ARG A 253 -9.52 -12.04 -2.45
CA ARG A 253 -8.96 -11.27 -3.59
C ARG A 253 -8.77 -9.85 -3.11
N ALA A 254 -7.68 -9.16 -3.47
CA ALA A 254 -7.40 -7.78 -3.06
C ALA A 254 -6.95 -7.00 -4.26
N TRP A 255 -7.23 -5.70 -4.34
CA TRP A 255 -6.89 -4.82 -5.48
C TRP A 255 -6.26 -3.54 -4.97
N VAL A 256 -5.37 -2.95 -5.76
CA VAL A 256 -4.80 -1.60 -5.59
C VAL A 256 -4.10 -1.54 -4.24
N PRO A 257 -2.81 -1.94 -4.12
CA PRO A 257 -2.11 -1.86 -2.85
C PRO A 257 -1.86 -0.42 -2.44
N ARG A 258 -1.86 -0.15 -1.14
CA ARG A 258 -1.69 1.20 -0.56
C ARG A 258 -0.56 1.19 0.43
N PRO A 259 0.02 2.35 0.81
CA PRO A 259 1.00 2.39 1.87
C PRO A 259 0.40 1.92 3.19
N PHE A 260 1.14 1.12 3.93
CA PHE A 260 0.84 0.76 5.34
C PHE A 260 0.80 2.06 6.12
N ARG A 261 -0.27 2.28 6.87
CA ARG A 261 -0.44 3.43 7.81
C ARG A 261 0.77 3.61 8.72
N SER A 262 1.30 4.84 8.85
CA SER A 262 2.42 5.18 9.76
C SER A 262 1.86 5.78 11.05
N GLN A 263 0.95 6.76 10.94
CA GLN A 263 0.44 7.54 12.09
C GLN A 263 -0.49 6.69 12.91
N ALA A 264 -0.59 6.88 14.22
CA ALA A 264 -1.56 6.16 15.06
C ALA A 264 -2.97 6.60 14.67
N TYR A 265 -3.92 5.67 14.57
CA TYR A 265 -5.37 5.94 14.32
C TYR A 265 -5.98 6.65 15.54
N MET A 266 -7.05 7.43 15.35
CA MET A 266 -7.73 8.17 16.44
C MET A 266 -9.19 7.75 16.56
N VAL A 267 -9.93 7.68 15.45
CA VAL A 267 -11.38 7.29 15.44
C VAL A 267 -11.55 6.05 14.56
N LYS A 268 -12.74 5.44 14.49
CA LYS A 268 -12.95 4.13 13.83
C LYS A 268 -13.01 4.28 12.31
N ASN A 269 -13.84 5.18 11.78
CA ASN A 269 -14.25 5.09 10.34
C ASN A 269 -13.63 6.23 9.53
N TYR A 270 -12.59 6.89 10.03
CA TYR A 270 -12.06 8.13 9.42
C TYR A 270 -10.55 8.10 9.57
N PRO A 271 -9.78 8.26 8.48
CA PRO A 271 -8.33 8.36 8.59
C PRO A 271 -8.11 9.76 9.15
N THR A 272 -7.53 9.87 10.32
CA THR A 272 -7.32 11.16 11.03
C THR A 272 -6.12 10.94 11.92
N TYR A 273 -5.25 11.92 12.03
CA TYR A 273 -3.97 11.73 12.71
C TYR A 273 -3.76 12.93 13.59
N SER A 274 -3.05 12.76 14.71
CA SER A 274 -2.69 13.86 15.62
C SER A 274 -1.80 14.85 14.85
N GLN A 275 -1.86 16.14 15.17
CA GLN A 275 -1.02 17.18 14.55
C GLN A 275 0.46 16.95 14.87
N THR A 276 0.78 16.21 15.93
CA THR A 276 2.14 15.66 16.19
C THR A 276 2.42 14.53 15.19
N ILE A 277 3.28 14.76 14.20
CA ILE A 277 3.56 13.78 13.11
C ILE A 277 4.71 12.88 13.57
N SER A 278 4.44 11.63 13.97
CA SER A 278 5.48 10.64 14.34
C SER A 278 6.23 10.23 13.06
N ASN A 279 7.55 10.37 13.02
CA ASN A 279 8.35 10.07 11.80
C ASN A 279 8.25 8.57 11.51
N THR A 280 8.21 8.18 10.23
CA THR A 280 8.10 6.76 9.80
C THR A 280 9.31 5.97 10.27
N ALA A 281 10.49 6.61 10.30
CA ALA A 281 11.78 6.00 10.72
C ALA A 281 12.23 6.62 12.04
N ALA A 282 12.65 5.78 12.98
CA ALA A 282 13.21 6.19 14.29
C ALA A 282 14.50 6.95 14.03
N ASP A 283 14.64 8.18 14.51
CA ASP A 283 15.79 9.05 14.14
C ASP A 283 17.06 8.57 14.85
N ARG A 284 18.23 8.99 14.35
CA ARG A 284 19.59 8.70 14.88
C ARG A 284 20.42 10.00 14.87
N ALA A 285 21.59 10.02 15.50
CA ALA A 285 22.38 11.25 15.81
C ALA A 285 22.72 12.04 14.53
N SER A 286 23.30 11.38 13.52
CA SER A 286 23.76 11.99 12.23
C SER A 286 23.55 11.01 11.07
N ILE A 287 23.61 11.52 9.85
CA ILE A 287 23.33 10.76 8.61
C ILE A 287 24.48 9.78 8.33
N THR A 288 25.65 9.93 8.96
CA THR A 288 26.78 9.00 8.83
C THR A 288 26.99 8.19 10.12
N THR A 289 25.94 7.92 10.90
CA THR A 289 26.03 7.16 12.19
C THR A 289 25.28 5.84 12.01
N THR A 290 25.93 4.69 12.16
CA THR A 290 25.25 3.37 12.17
C THR A 290 25.52 2.68 13.49
N ASP A 291 24.52 1.98 14.04
CA ASP A 291 24.62 1.24 15.32
C ASP A 291 25.03 -0.21 15.02
N TYR A 292 26.32 -0.43 14.76
CA TYR A 292 26.91 -1.77 14.58
C TYR A 292 28.39 -1.73 14.97
N GLU A 293 28.81 -2.51 15.98
CA GLU A 293 30.21 -2.43 16.50
C GLU A 293 31.14 -3.11 15.49
N GLY A 294 30.74 -4.24 14.91
CA GLY A 294 31.58 -5.04 14.00
C GLY A 294 32.79 -5.61 14.73
N GLY A 295 33.87 -5.95 14.04
CA GLY A 295 35.07 -6.57 14.64
C GLY A 295 36.25 -5.63 14.67
N VAL A 296 37.41 -6.10 15.11
CA VAL A 296 38.64 -5.26 15.25
C VAL A 296 39.34 -5.25 13.90
N PRO A 297 39.46 -4.11 13.19
CA PRO A 297 40.12 -4.10 11.88
C PRO A 297 41.58 -4.56 11.93
N ALA A 298 41.98 -5.46 11.02
CA ALA A 298 43.33 -6.06 10.97
C ALA A 298 44.38 -4.98 10.68
N ASN A 299 44.10 -4.03 9.79
CA ASN A 299 45.04 -2.91 9.45
C ASN A 299 44.36 -1.56 9.67
N PRO A 300 44.53 -0.91 10.86
CA PRO A 300 43.86 0.36 11.15
C PRO A 300 44.66 1.61 10.69
N PHE A 304 44.94 1.56 5.43
CA PHE A 304 44.88 0.07 5.52
C PHE A 304 46.32 -0.49 5.54
N CYS B 7 12.75 -1.40 -29.89
CA CYS B 7 13.80 -0.36 -29.56
C CYS B 7 14.56 -0.75 -28.27
N GLY B 8 13.82 -0.99 -27.18
CA GLY B 8 14.33 -1.31 -25.83
C GLY B 8 14.68 -0.09 -24.99
N TYR B 9 14.36 1.12 -25.46
CA TYR B 9 14.56 2.41 -24.73
C TYR B 9 13.34 3.30 -25.04
N SER B 10 12.92 4.12 -24.07
CA SER B 10 11.84 5.13 -24.21
C SER B 10 12.41 6.36 -24.90
N ASP B 11 11.75 6.82 -25.95
CA ASP B 11 12.19 8.04 -26.67
C ASP B 11 11.88 9.28 -25.81
N ARG B 12 12.79 10.25 -25.84
CA ARG B 12 12.71 11.51 -25.07
C ARG B 12 11.52 12.33 -25.56
N VAL B 13 11.30 12.36 -26.87
CA VAL B 13 10.32 13.25 -27.56
C VAL B 13 9.06 12.44 -27.83
N ALA B 14 7.88 12.99 -27.54
CA ALA B 14 6.58 12.26 -27.50
C ALA B 14 5.42 13.20 -27.77
N GLN B 15 4.38 12.73 -28.46
CA GLN B 15 3.20 13.55 -28.86
C GLN B 15 1.92 12.81 -28.47
N LEU B 16 1.03 13.46 -27.73
CA LEU B 16 -0.18 12.85 -27.13
C LEU B 16 -1.39 13.55 -27.72
N THR B 17 -2.17 12.90 -28.59
CA THR B 17 -3.28 13.57 -29.34
C THR B 17 -4.60 12.86 -29.03
N VAL B 18 -5.47 13.53 -28.29
CA VAL B 18 -6.81 13.00 -27.90
C VAL B 18 -7.85 14.03 -28.29
N GLY B 19 -8.79 13.71 -29.15
CA GLY B 19 -9.88 14.63 -29.52
C GLY B 19 -9.34 15.72 -30.41
N ASN B 20 -9.60 16.97 -30.09
CA ASN B 20 -9.15 18.13 -30.88
C ASN B 20 -8.00 18.82 -30.15
N SER B 21 -7.30 18.12 -29.25
CA SER B 21 -6.16 18.65 -28.48
C SER B 21 -4.97 17.75 -28.67
N THR B 22 -3.76 18.32 -28.77
CA THR B 22 -2.46 17.63 -28.88
C THR B 22 -1.50 18.20 -27.87
N ILE B 23 -0.82 17.37 -27.09
CA ILE B 23 0.24 17.80 -26.15
C ILE B 23 1.56 17.29 -26.72
N THR B 24 2.48 18.16 -27.11
CA THR B 24 3.85 17.77 -27.54
C THR B 24 4.80 18.04 -26.39
N THR B 25 5.68 17.08 -26.07
CA THR B 25 6.75 17.20 -25.06
C THR B 25 8.06 16.64 -25.62
N GLN B 26 9.17 17.35 -25.45
CA GLN B 26 10.51 16.92 -25.92
C GLN B 26 11.31 16.27 -24.79
N GLU B 27 10.86 16.33 -23.54
CA GLU B 27 11.49 15.60 -22.40
C GLU B 27 10.49 14.65 -21.72
N ALA B 28 9.81 13.78 -22.43
CA ALA B 28 8.95 12.76 -21.81
C ALA B 28 9.85 11.63 -21.29
N ALA B 29 9.85 11.39 -19.98
CA ALA B 29 10.42 10.18 -19.38
C ALA B 29 9.40 9.04 -19.47
N ASN B 30 8.99 8.63 -20.65
CA ASN B 30 8.09 7.46 -20.87
C ASN B 30 6.70 7.78 -20.34
N ILE B 31 5.70 6.99 -20.63
CA ILE B 31 4.31 7.21 -20.14
C ILE B 31 3.96 6.03 -19.24
N VAL B 32 3.45 6.26 -18.03
CA VAL B 32 2.95 5.18 -17.12
C VAL B 32 1.51 4.82 -17.49
N LEU B 33 1.26 3.53 -17.73
CA LEU B 33 -0.07 2.92 -17.95
C LEU B 33 -0.40 2.21 -16.65
N SER B 34 -1.28 2.76 -15.84
CA SER B 34 -1.51 2.32 -14.46
C SER B 34 -2.00 0.87 -14.45
N TYR B 35 -1.33 0.01 -13.70
CA TYR B 35 -1.71 -1.41 -13.52
C TYR B 35 -1.66 -2.15 -14.86
N GLY B 36 -0.93 -1.62 -15.84
CA GLY B 36 -0.73 -2.25 -17.16
C GLY B 36 -2.04 -2.56 -17.84
N GLU B 37 -3.03 -1.70 -17.64
CA GLU B 37 -4.36 -1.87 -18.26
C GLU B 37 -4.77 -0.54 -18.88
N TRP B 38 -5.27 -0.59 -20.12
CA TRP B 38 -5.77 0.57 -20.90
C TRP B 38 -7.19 0.89 -20.48
N PRO B 39 -7.62 2.17 -20.49
CA PRO B 39 -9.03 2.50 -20.28
C PRO B 39 -9.94 1.92 -21.36
N GLY B 40 -11.02 1.27 -21.01
CA GLY B 40 -11.98 0.77 -22.03
C GLY B 40 -13.40 0.97 -21.57
N TYR B 41 -14.34 0.95 -22.49
CA TYR B 41 -15.80 1.04 -22.20
C TYR B 41 -16.20 -0.14 -21.33
N CYS B 42 -17.19 0.00 -20.46
CA CYS B 42 -17.66 -1.10 -19.59
C CYS B 42 -18.15 -2.27 -20.44
N PRO B 43 -17.65 -3.52 -20.29
CA PRO B 43 -18.21 -4.64 -21.03
C PRO B 43 -19.63 -4.97 -20.57
N SER B 44 -20.39 -5.65 -21.44
CA SER B 44 -21.75 -6.18 -21.19
C SER B 44 -21.81 -6.98 -19.88
N THR B 45 -20.82 -7.84 -19.64
CA THR B 45 -20.76 -8.74 -18.46
C THR B 45 -20.66 -7.92 -17.15
N ASP B 46 -19.84 -6.87 -17.10
CA ASP B 46 -19.64 -6.06 -15.87
C ASP B 46 -20.78 -5.07 -15.69
N ALA B 47 -21.47 -4.73 -16.78
CA ALA B 47 -22.51 -3.68 -16.80
C ALA B 47 -23.67 -4.18 -15.98
N THR B 48 -24.16 -3.38 -15.04
CA THR B 48 -25.34 -3.74 -14.23
C THR B 48 -26.57 -2.94 -14.67
N ALA B 49 -26.40 -1.71 -15.17
CA ALA B 49 -27.49 -0.72 -15.36
C ALA B 49 -28.01 -0.76 -16.81
N VAL B 50 -29.32 -0.89 -17.01
CA VAL B 50 -29.92 -1.31 -18.30
C VAL B 50 -30.08 -0.13 -19.25
N ASP B 51 -30.08 1.10 -18.76
CA ASP B 51 -30.10 2.33 -19.59
C ASP B 51 -28.93 2.30 -20.58
N LYS B 52 -29.18 2.55 -21.87
CA LYS B 52 -28.12 2.69 -22.91
C LYS B 52 -27.17 3.83 -22.55
N PRO B 53 -25.85 3.61 -22.39
CA PRO B 53 -24.98 4.68 -21.96
C PRO B 53 -24.46 5.53 -23.12
N THR B 54 -24.66 6.85 -23.01
CA THR B 54 -24.13 7.85 -23.98
C THR B 54 -22.60 7.86 -23.96
N ARG B 55 -21.94 7.82 -25.12
CA ARG B 55 -20.48 7.97 -25.24
C ARG B 55 -20.18 9.17 -26.09
N PRO B 56 -19.98 10.38 -25.52
CA PRO B 56 -19.80 11.57 -26.34
C PRO B 56 -18.50 11.65 -27.15
N ASP B 57 -17.57 10.75 -26.87
CA ASP B 57 -16.29 10.62 -27.61
C ASP B 57 -15.55 11.96 -27.57
N VAL B 58 -15.17 12.50 -28.73
CA VAL B 58 -14.25 13.67 -28.89
C VAL B 58 -14.70 14.84 -28.03
N SER B 59 -16.00 15.12 -27.94
CA SER B 59 -16.58 16.20 -27.12
C SER B 59 -16.04 16.18 -25.71
N VAL B 60 -16.00 15.01 -25.06
CA VAL B 60 -15.59 14.87 -23.62
C VAL B 60 -14.18 14.32 -23.57
N ASN B 61 -13.75 13.53 -24.53
CA ASN B 61 -12.44 12.84 -24.51
C ASN B 61 -11.45 13.74 -25.23
N ARG B 62 -10.78 14.61 -24.47
CA ARG B 62 -9.80 15.58 -24.99
C ARG B 62 -9.07 16.19 -23.81
N PHE B 63 -7.89 16.75 -24.04
CA PHE B 63 -7.02 17.36 -23.00
C PHE B 63 -7.59 18.69 -22.55
N TYR B 64 -7.88 18.82 -21.26
CA TYR B 64 -8.31 20.04 -20.56
C TYR B 64 -7.18 20.54 -19.67
N THR B 65 -6.69 21.76 -19.88
CA THR B 65 -5.64 22.41 -19.08
C THR B 65 -6.30 23.22 -18.00
N LEU B 66 -6.38 22.72 -16.77
CA LEU B 66 -7.30 23.28 -15.75
C LEU B 66 -6.57 24.22 -14.81
N SER B 67 -5.43 23.82 -14.26
CA SER B 67 -4.81 24.54 -13.13
C SER B 67 -3.33 24.74 -13.39
N THR B 68 -2.82 25.95 -13.21
CA THR B 68 -1.36 26.22 -13.20
C THR B 68 -0.99 26.75 -11.82
N LYS B 69 0.07 26.23 -11.20
CA LYS B 69 0.53 26.57 -9.82
C LYS B 69 1.98 27.05 -9.88
N SER B 70 2.32 28.01 -9.02
CA SER B 70 3.67 28.59 -8.94
C SER B 70 4.44 27.77 -7.91
N TRP B 71 5.50 27.09 -8.33
CA TRP B 71 6.37 26.28 -7.45
C TRP B 71 7.35 27.22 -6.79
N LYS B 72 7.45 27.19 -5.46
CA LYS B 72 8.39 28.01 -4.66
C LYS B 72 9.30 27.10 -3.85
N THR B 73 10.34 27.65 -3.24
CA THR B 73 11.35 26.89 -2.47
C THR B 73 10.69 26.19 -1.27
N GLU B 74 9.59 26.74 -0.72
CA GLU B 74 8.89 26.21 0.49
C GLU B 74 7.51 25.62 0.12
N SER B 75 7.10 25.62 -1.15
CA SER B 75 5.85 24.97 -1.60
C SER B 75 5.83 23.53 -1.08
N THR B 76 4.71 23.07 -0.54
CA THR B 76 4.58 21.76 0.14
C THR B 76 3.90 20.74 -0.76
N GLY B 77 3.13 21.17 -1.76
CA GLY B 77 2.49 20.29 -2.76
C GLY B 77 1.04 20.66 -2.98
N TRP B 78 0.43 20.08 -4.00
CA TRP B 78 -0.98 20.31 -4.36
C TRP B 78 -1.64 18.98 -4.67
N TYR B 79 -2.97 18.85 -4.51
CA TYR B 79 -3.72 17.67 -5.00
C TYR B 79 -5.05 18.10 -5.61
N TRP B 80 -5.53 17.29 -6.53
CA TRP B 80 -6.84 17.43 -7.19
C TRP B 80 -7.55 16.10 -7.06
N LYS B 81 -8.85 16.07 -7.24
CA LYS B 81 -9.68 14.86 -7.18
C LYS B 81 -10.39 14.72 -8.54
N PHE B 82 -10.24 13.58 -9.18
CA PHE B 82 -10.85 13.30 -10.50
C PHE B 82 -12.04 12.38 -10.22
N PRO B 83 -13.22 12.58 -10.83
CA PRO B 83 -13.43 13.63 -11.82
C PRO B 83 -13.84 15.01 -11.28
N ASP B 84 -13.77 15.20 -9.96
CA ASP B 84 -14.20 16.47 -9.30
C ASP B 84 -13.56 17.67 -10.00
N VAL B 85 -12.29 17.58 -10.40
CA VAL B 85 -11.50 18.70 -11.00
C VAL B 85 -12.17 19.18 -12.30
N LEU B 86 -12.79 18.28 -13.04
CA LEU B 86 -13.36 18.52 -14.38
C LEU B 86 -14.90 18.56 -14.31
N ASN B 87 -15.50 18.37 -13.13
CA ASN B 87 -16.97 18.18 -12.96
C ASN B 87 -17.71 19.45 -13.34
N ASP B 88 -17.06 20.57 -13.61
CA ASP B 88 -17.76 21.83 -14.03
C ASP B 88 -17.12 22.46 -15.27
N THR B 89 -16.31 21.76 -16.05
CA THR B 89 -15.53 22.38 -17.17
C THR B 89 -15.77 21.61 -18.47
N GLY B 90 -16.27 22.31 -19.49
CA GLY B 90 -16.45 21.77 -20.85
C GLY B 90 -17.68 20.91 -20.95
N VAL B 91 -17.85 20.20 -22.06
CA VAL B 91 -19.01 19.30 -22.30
C VAL B 91 -18.98 18.17 -21.27
N PHE B 92 -17.80 17.67 -20.88
CA PHE B 92 -17.64 16.64 -19.81
C PHE B 92 -18.43 17.08 -18.59
N GLY B 93 -18.20 18.31 -18.14
CA GLY B 93 -18.86 18.85 -16.94
C GLY B 93 -20.36 18.74 -17.10
N GLN B 94 -20.88 19.06 -18.27
CA GLN B 94 -22.34 19.12 -18.50
C GLN B 94 -22.85 17.69 -18.50
N ASN B 95 -22.19 16.79 -19.22
CA ASN B 95 -22.58 15.36 -19.25
C ASN B 95 -22.55 14.83 -17.82
N ALA B 96 -21.57 15.21 -17.01
CA ALA B 96 -21.41 14.73 -15.62
C ALA B 96 -22.52 15.28 -14.74
N GLN B 97 -22.98 16.50 -14.96
CA GLN B 97 -24.09 17.07 -14.15
C GLN B 97 -25.43 16.49 -14.58
N PHE B 98 -25.62 16.21 -15.86
CA PHE B 98 -26.93 15.80 -16.45
C PHE B 98 -27.18 14.32 -16.22
N HIS B 99 -26.16 13.56 -15.88
CA HIS B 99 -26.28 12.09 -15.76
C HIS B 99 -25.91 11.64 -14.36
N TYR B 100 -26.36 10.47 -13.94
CA TYR B 100 -26.22 9.94 -12.58
C TYR B 100 -24.96 9.10 -12.52
N LEU B 101 -24.94 8.08 -13.36
CA LEU B 101 -23.83 7.11 -13.36
C LEU B 101 -22.71 7.69 -14.22
N TYR B 102 -21.47 7.35 -13.92
CA TYR B 102 -20.30 7.89 -14.66
C TYR B 102 -19.16 6.87 -14.62
N ARG B 103 -18.40 6.81 -15.71
CA ARG B 103 -17.16 6.00 -15.79
C ARG B 103 -16.25 6.48 -16.91
N SER B 104 -14.95 6.60 -16.64
CA SER B 104 -13.88 6.91 -17.62
C SER B 104 -12.54 6.72 -16.96
N GLY B 105 -11.52 6.37 -17.74
CA GLY B 105 -10.11 6.46 -17.31
C GLY B 105 -9.60 7.83 -17.70
N PHE B 106 -8.38 8.20 -17.39
CA PHE B 106 -7.88 9.51 -17.84
C PHE B 106 -6.40 9.47 -18.20
N CYS B 107 -5.93 10.47 -18.93
CA CYS B 107 -4.51 10.66 -19.27
C CYS B 107 -3.99 11.92 -18.57
N MET B 108 -3.33 11.77 -17.43
CA MET B 108 -2.74 12.90 -16.67
C MET B 108 -1.49 13.38 -17.42
N HIS B 109 -1.17 14.66 -17.35
CA HIS B 109 0.06 15.22 -17.95
C HIS B 109 0.42 16.48 -17.22
N VAL B 110 1.42 16.40 -16.33
CA VAL B 110 1.86 17.54 -15.50
C VAL B 110 3.06 18.15 -16.18
N GLN B 111 2.97 19.41 -16.60
CA GLN B 111 4.02 20.11 -17.38
C GLN B 111 4.75 21.05 -16.45
N CYS B 112 6.04 20.83 -16.23
CA CYS B 112 6.89 21.74 -15.41
C CYS B 112 8.27 21.89 -16.02
N ASN B 113 8.53 22.94 -16.80
CA ASN B 113 9.88 23.21 -17.36
C ASN B 113 10.64 24.19 -16.47
N ALA B 114 11.96 24.05 -16.44
CA ALA B 114 12.91 24.99 -15.83
C ALA B 114 14.23 24.87 -16.57
N SER B 115 15.11 25.85 -16.46
CA SER B 115 16.40 25.89 -17.16
C SER B 115 17.30 24.78 -16.62
N LYS B 116 18.39 24.48 -17.32
CA LYS B 116 19.44 23.54 -16.91
C LYS B 116 20.22 24.07 -15.69
N PHE B 117 19.82 25.19 -15.07
CA PHE B 117 20.48 25.83 -13.92
C PHE B 117 19.51 25.92 -12.75
N HIS B 118 18.29 25.41 -12.88
CA HIS B 118 17.37 25.13 -11.76
C HIS B 118 17.52 23.68 -11.37
N GLN B 119 17.00 23.28 -10.23
CA GLN B 119 17.02 21.87 -9.77
C GLN B 119 15.82 21.66 -8.87
N GLY B 120 15.39 20.41 -8.70
CA GLY B 120 14.25 20.05 -7.84
C GLY B 120 13.60 18.82 -8.41
N ALA B 121 12.82 18.09 -7.62
CA ALA B 121 12.11 16.89 -8.05
C ALA B 121 10.70 17.02 -7.55
N LEU B 122 9.71 16.79 -8.42
CA LEU B 122 8.28 16.66 -8.07
C LEU B 122 7.91 15.21 -8.25
N LEU B 123 7.37 14.56 -7.21
CA LEU B 123 6.66 13.27 -7.36
C LEU B 123 5.22 13.60 -7.76
N VAL B 124 4.79 13.09 -8.91
CA VAL B 124 3.40 13.18 -9.41
C VAL B 124 2.80 11.81 -9.25
N VAL B 125 1.78 11.61 -8.42
CA VAL B 125 1.24 10.26 -8.10
C VAL B 125 -0.27 10.29 -8.14
N VAL B 126 -0.89 9.29 -8.77
CA VAL B 126 -2.36 9.13 -8.80
C VAL B 126 -2.75 8.12 -7.71
N ILE B 127 -3.45 8.57 -6.67
CA ILE B 127 -3.86 7.77 -5.48
C ILE B 127 -5.33 7.42 -5.63
N PRO B 128 -5.71 6.17 -5.96
CA PRO B 128 -7.12 5.79 -6.02
C PRO B 128 -7.77 5.87 -4.63
N GLU B 129 -8.97 6.43 -4.52
CA GLU B 129 -9.68 6.58 -3.25
C GLU B 129 -8.77 7.33 -2.28
N PHE B 130 -8.41 8.55 -2.61
CA PHE B 130 -7.55 9.42 -1.77
C PHE B 130 -8.42 10.04 -0.68
N VAL B 131 -8.67 9.34 0.42
CA VAL B 131 -9.50 9.90 1.52
C VAL B 131 -8.63 10.89 2.29
N VAL B 132 -8.83 12.19 2.04
CA VAL B 132 -8.19 13.31 2.79
C VAL B 132 -8.56 13.13 4.25
N ALA B 133 -7.58 13.12 5.12
CA ALA B 133 -7.73 13.09 6.59
C ALA B 133 -7.76 14.52 7.12
N ALA B 134 -8.17 14.70 8.38
CA ALA B 134 -8.03 15.99 9.09
C ALA B 134 -7.19 15.76 10.35
N SER B 135 -6.13 16.54 10.53
CA SER B 135 -5.23 16.42 11.69
C SER B 135 -5.90 17.16 12.85
N SER B 136 -6.05 16.51 14.00
CA SER B 136 -6.66 17.09 15.22
C SER B 136 -5.54 17.52 16.14
N PRO B 137 -5.56 18.77 16.71
CA PRO B 137 -4.48 19.24 17.58
C PRO B 137 -4.43 18.39 18.84
N ALA B 138 -3.21 18.02 19.28
CA ALA B 138 -2.90 17.13 20.44
C ALA B 138 -3.73 17.51 21.69
N THR B 139 -3.87 18.83 21.95
CA THR B 139 -4.63 19.47 23.08
C THR B 139 -5.96 18.73 23.34
N LYS B 140 -6.89 18.77 22.37
CA LYS B 140 -8.25 18.17 22.47
C LYS B 140 -8.27 16.87 21.65
N PRO B 141 -8.86 15.76 22.20
CA PRO B 141 -8.94 14.50 21.45
C PRO B 141 -9.87 14.62 20.20
N ASN B 142 -11.07 15.21 20.38
CA ASN B 142 -12.05 15.52 19.28
C ASN B 142 -12.02 17.04 18.97
N GLY B 143 -10.92 17.53 18.37
CA GLY B 143 -10.85 18.87 17.76
C GLY B 143 -11.81 18.97 16.58
N GLN B 144 -12.47 20.14 16.41
CA GLN B 144 -13.47 20.41 15.32
C GLN B 144 -12.91 19.99 13.95
N GLY B 145 -11.60 20.20 13.73
CA GLY B 145 -10.83 19.74 12.55
C GLY B 145 -10.43 18.27 12.63
N LEU B 146 -11.35 17.42 13.07
CA LEU B 146 -11.22 15.95 12.98
C LEU B 146 -11.80 15.47 11.63
N TYR B 147 -12.77 16.17 11.04
CA TYR B 147 -13.39 15.85 9.73
C TYR B 147 -13.09 16.94 8.71
N PRO B 148 -12.41 16.66 7.58
CA PRO B 148 -12.01 17.75 6.70
C PRO B 148 -13.23 18.35 5.99
N ASP B 149 -13.35 19.68 5.98
CA ASP B 149 -14.49 20.41 5.36
C ASP B 149 -14.51 20.13 3.85
N PHE B 150 -15.61 20.49 3.18
CA PHE B 150 -15.85 20.15 1.75
C PHE B 150 -14.73 20.72 0.87
N ALA B 151 -14.19 21.88 1.20
CA ALA B 151 -13.11 22.55 0.45
C ALA B 151 -11.91 21.60 0.30
N HIS B 152 -11.54 20.86 1.34
CA HIS B 152 -10.36 19.96 1.36
C HIS B 152 -10.65 18.66 0.62
N THR B 153 -11.85 18.11 0.77
CA THR B 153 -12.20 16.80 0.15
C THR B 153 -12.41 17.02 -1.35
N ASN B 154 -13.04 18.11 -1.76
CA ASN B 154 -13.36 18.38 -3.19
C ASN B 154 -12.83 19.75 -3.57
N PRO B 155 -11.52 19.91 -3.86
CA PRO B 155 -10.96 21.22 -4.15
C PRO B 155 -11.47 21.84 -5.45
N GLY B 156 -11.92 21.00 -6.38
CA GLY B 156 -12.35 21.42 -7.72
C GLY B 156 -11.16 21.80 -8.57
N LYS B 157 -11.37 22.71 -9.50
CA LYS B 157 -10.41 23.07 -10.56
C LYS B 157 -9.12 23.62 -9.95
N GLU B 158 -9.23 24.49 -8.94
CA GLU B 158 -8.07 25.21 -8.36
C GLU B 158 -7.16 24.27 -7.56
N GLY B 159 -7.58 23.06 -7.15
CA GLY B 159 -6.74 22.13 -6.37
C GLY B 159 -6.53 22.63 -4.96
N GLN B 160 -5.89 21.88 -4.07
CA GLN B 160 -5.67 22.27 -2.65
C GLN B 160 -4.21 22.06 -2.25
N VAL B 161 -3.63 22.98 -1.49
CA VAL B 161 -2.25 22.89 -0.96
C VAL B 161 -2.22 21.84 0.15
N PHE B 162 -1.29 20.86 0.11
CA PHE B 162 -0.99 19.92 1.23
C PHE B 162 -0.59 20.70 2.48
N ARG B 163 -1.11 20.38 3.67
CA ARG B 163 -0.60 20.99 4.93
C ARG B 163 0.51 20.10 5.51
N ASP B 164 0.41 18.76 5.36
CA ASP B 164 1.41 17.77 5.83
C ASP B 164 1.69 16.78 4.71
N PRO B 165 2.54 17.13 3.71
CA PRO B 165 2.75 16.26 2.56
C PRO B 165 3.52 14.97 2.89
N TYR B 166 4.22 14.97 4.01
CA TYR B 166 4.98 13.81 4.55
C TYR B 166 4.05 12.65 4.78
N VAL B 167 2.84 12.89 5.29
CA VAL B 167 1.80 11.84 5.56
C VAL B 167 0.72 11.89 4.47
N LEU B 168 0.98 12.58 3.35
CA LEU B 168 0.06 12.78 2.20
C LEU B 168 -1.31 13.17 2.70
N ASP B 169 -1.40 13.94 3.78
CA ASP B 169 -2.67 14.37 4.42
C ASP B 169 -3.67 13.23 4.56
N ALA B 170 -3.23 12.04 4.93
CA ALA B 170 -4.05 10.82 4.98
C ALA B 170 -3.46 9.82 5.98
N GLY B 171 -2.40 10.18 6.70
CA GLY B 171 -1.74 9.33 7.70
C GLY B 171 -0.98 8.17 7.10
N ILE B 172 -0.64 8.20 5.81
CA ILE B 172 0.16 7.14 5.13
C ILE B 172 1.45 7.77 4.63
N PRO B 173 2.61 7.15 4.86
CA PRO B 173 3.88 7.74 4.46
C PRO B 173 4.02 7.99 2.95
N LEU B 174 4.45 9.21 2.61
CA LEU B 174 4.74 9.66 1.23
C LEU B 174 5.82 8.78 0.62
N SER B 175 6.74 8.27 1.43
CA SER B 175 7.86 7.43 0.98
C SER B 175 7.29 6.22 0.26
N GLN B 176 6.20 5.64 0.78
CA GLN B 176 5.55 4.43 0.24
C GLN B 176 4.47 4.78 -0.78
N ALA B 177 4.28 6.05 -1.13
CA ALA B 177 3.29 6.51 -2.12
C ALA B 177 3.69 6.00 -3.49
N LEU B 178 4.94 5.59 -3.66
CA LEU B 178 5.44 5.09 -4.96
C LEU B 178 4.76 3.76 -5.30
N VAL B 179 4.00 3.16 -4.39
CA VAL B 179 3.19 1.93 -4.64
C VAL B 179 2.10 2.23 -5.66
N PHE B 180 1.47 3.39 -5.56
CA PHE B 180 0.47 3.90 -6.53
C PHE B 180 1.18 4.25 -7.84
N PRO B 181 0.48 4.28 -9.00
CA PRO B 181 1.04 4.79 -10.25
C PRO B 181 1.62 6.19 -10.10
N HIS B 182 2.90 6.35 -10.34
CA HIS B 182 3.61 7.62 -10.04
C HIS B 182 4.59 7.87 -11.15
N GLN B 183 5.17 9.05 -11.18
CA GLN B 183 6.28 9.39 -12.09
C GLN B 183 6.97 10.61 -11.51
N TRP B 184 8.26 10.78 -11.69
CA TRP B 184 8.97 11.95 -11.13
C TRP B 184 9.17 13.00 -12.24
N ILE B 185 9.23 14.29 -11.88
CA ILE B 185 9.72 15.38 -12.76
C ILE B 185 11.02 15.87 -12.18
N ASN B 186 12.12 15.31 -12.64
CA ASN B 186 13.47 15.78 -12.28
C ASN B 186 13.81 16.86 -13.28
N LEU B 187 13.96 18.10 -12.85
CA LEU B 187 14.28 19.20 -13.78
C LEU B 187 15.62 18.89 -14.43
N ARG B 188 16.36 17.91 -13.90
CA ARG B 188 17.64 17.48 -14.49
C ARG B 188 17.33 16.75 -15.79
N THR B 189 16.35 15.86 -15.77
CA THR B 189 16.13 14.88 -16.87
C THR B 189 14.92 15.28 -17.69
N ASN B 190 13.78 15.42 -17.03
CA ASN B 190 12.51 15.56 -17.77
C ASN B 190 11.78 16.81 -17.33
N ASN B 191 10.66 17.08 -18.00
CA ASN B 191 9.83 18.27 -17.71
C ASN B 191 8.34 17.94 -17.83
N CYS B 192 7.96 16.68 -17.88
CA CYS B 192 6.54 16.27 -17.96
C CYS B 192 6.36 14.89 -17.37
N ALA B 193 5.18 14.60 -16.84
CA ALA B 193 4.83 13.31 -16.24
C ALA B 193 3.46 12.91 -16.76
N THR B 194 3.36 11.78 -17.43
CA THR B 194 2.09 11.32 -18.06
C THR B 194 1.64 10.03 -17.39
N ILE B 195 0.46 10.01 -16.80
CA ILE B 195 -0.09 8.78 -16.19
C ILE B 195 -1.44 8.50 -16.83
N ILE B 196 -1.49 7.53 -17.74
CA ILE B 196 -2.76 6.95 -18.24
C ILE B 196 -3.31 6.03 -17.17
N MET B 197 -4.56 6.20 -16.76
CA MET B 197 -5.17 5.49 -15.61
C MET B 197 -6.48 4.93 -16.10
N PRO B 198 -6.77 3.62 -15.94
CA PRO B 198 -8.06 3.07 -16.32
C PRO B 198 -9.06 3.34 -15.21
N TYR B 199 -10.32 3.08 -15.46
CA TYR B 199 -11.39 3.27 -14.45
C TYR B 199 -11.18 2.23 -13.38
N VAL B 200 -10.89 2.65 -12.15
CA VAL B 200 -10.62 1.77 -10.99
C VAL B 200 -11.72 2.05 -10.00
N ASN B 201 -12.64 1.11 -9.78
CA ASN B 201 -13.73 1.24 -8.77
C ASN B 201 -14.37 -0.11 -8.52
N ALA B 202 -14.96 -0.34 -7.36
CA ALA B 202 -15.63 -1.62 -7.06
C ALA B 202 -16.91 -1.71 -7.87
N LEU B 203 -17.50 -0.57 -8.24
CA LEU B 203 -18.75 -0.46 -9.03
C LEU B 203 -18.39 -0.17 -10.47
N PRO B 204 -19.13 -0.69 -11.47
CA PRO B 204 -18.85 -0.39 -12.89
C PRO B 204 -19.12 1.07 -13.28
N PHE B 205 -20.08 1.75 -12.67
CA PHE B 205 -20.41 3.17 -12.91
C PHE B 205 -20.62 3.85 -11.57
N ASP B 206 -20.23 5.10 -11.41
CA ASP B 206 -20.43 5.80 -10.12
C ASP B 206 -20.81 7.21 -10.46
N SER B 207 -21.42 7.93 -9.53
CA SER B 207 -21.73 9.37 -9.65
C SER B 207 -20.46 10.19 -9.70
N ALA B 208 -20.29 10.99 -10.77
CA ALA B 208 -19.12 11.87 -10.96
C ALA B 208 -19.06 12.86 -9.79
N LEU B 209 -20.22 13.37 -9.37
CA LEU B 209 -20.34 14.45 -8.35
C LEU B 209 -20.05 13.94 -6.95
N ASN B 210 -20.67 12.85 -6.50
CA ASN B 210 -20.56 12.36 -5.11
C ASN B 210 -19.22 11.69 -4.83
N HIS B 211 -18.66 10.95 -5.76
CA HIS B 211 -17.52 10.03 -5.49
C HIS B 211 -16.38 10.39 -6.42
N SER B 212 -15.17 10.43 -5.87
CA SER B 212 -13.92 10.77 -6.60
C SER B 212 -13.12 9.50 -6.70
N ASN B 213 -12.89 9.04 -7.91
CA ASN B 213 -12.23 7.75 -8.16
C ASN B 213 -10.76 7.88 -7.80
N PHE B 214 -10.13 9.00 -8.14
CA PHE B 214 -8.66 9.14 -7.98
C PHE B 214 -8.31 10.54 -7.47
N GLY B 215 -7.19 10.64 -6.75
CA GLY B 215 -6.57 11.90 -6.33
C GLY B 215 -5.29 12.14 -7.10
N LEU B 216 -5.05 13.33 -7.59
CA LEU B 216 -3.89 13.64 -8.44
C LEU B 216 -2.99 14.46 -7.52
N ALA B 217 -1.86 13.94 -7.05
CA ALA B 217 -1.01 14.66 -6.07
C ALA B 217 0.33 15.00 -6.69
N VAL B 218 0.71 16.28 -6.75
CA VAL B 218 2.08 16.73 -7.16
C VAL B 218 2.79 17.26 -5.94
N ILE B 219 3.81 16.56 -5.42
CA ILE B 219 4.55 16.91 -4.17
C ILE B 219 6.01 17.17 -4.51
N PRO B 220 6.58 18.37 -4.22
CA PRO B 220 8.01 18.62 -4.33
C PRO B 220 8.81 17.89 -3.25
N ILE B 221 9.49 16.80 -3.60
CA ILE B 221 10.35 16.03 -2.67
C ILE B 221 11.62 16.84 -2.49
N SER B 222 12.44 16.95 -3.52
CA SER B 222 13.65 17.81 -3.53
C SER B 222 13.21 19.23 -3.79
N PRO B 223 13.43 20.21 -2.89
CA PRO B 223 12.93 21.56 -3.09
C PRO B 223 13.55 22.25 -4.30
N LEU B 224 12.80 23.17 -4.92
CA LEU B 224 13.25 23.97 -6.10
C LEU B 224 14.31 24.93 -5.61
N LYS B 225 15.50 24.87 -6.19
CA LYS B 225 16.61 25.79 -5.82
C LYS B 225 17.24 26.30 -7.11
N TYR B 226 17.74 27.53 -7.10
CA TYR B 226 18.34 28.20 -8.27
C TYR B 226 19.13 29.40 -7.78
N CYS B 227 20.10 29.86 -8.57
CA CYS B 227 21.02 30.97 -8.20
C CYS B 227 20.37 32.29 -8.61
N ASN B 228 20.77 33.37 -7.93
CA ASN B 228 20.27 34.74 -8.20
C ASN B 228 20.49 35.04 -9.69
N GLY B 229 19.43 35.47 -10.38
CA GLY B 229 19.50 35.84 -11.80
C GLY B 229 18.56 35.00 -12.64
N ALA B 230 18.24 33.77 -12.23
CA ALA B 230 17.31 32.84 -12.94
C ALA B 230 15.87 33.28 -12.72
N THR B 231 14.93 32.81 -13.54
CA THR B 231 13.50 33.21 -13.46
C THR B 231 12.90 32.51 -12.24
N THR B 232 12.39 33.28 -11.28
CA THR B 232 11.87 32.79 -9.99
C THR B 232 10.54 32.08 -10.25
N GLU B 233 9.70 32.63 -11.12
CA GLU B 233 8.38 32.06 -11.45
C GLU B 233 8.55 30.79 -12.29
N VAL B 234 8.35 29.61 -11.71
CA VAL B 234 8.41 28.27 -12.37
C VAL B 234 7.04 27.61 -12.20
N PRO B 235 6.13 27.68 -13.19
CA PRO B 235 4.81 27.07 -13.05
C PRO B 235 4.73 25.55 -13.19
N ILE B 236 3.73 24.93 -12.55
CA ILE B 236 3.37 23.50 -12.71
C ILE B 236 1.92 23.44 -13.19
N THR B 237 1.68 22.89 -14.37
CA THR B 237 0.37 22.89 -15.04
C THR B 237 -0.20 21.48 -15.11
N LEU B 238 -1.45 21.30 -14.72
CA LEU B 238 -2.15 20.00 -14.79
C LEU B 238 -3.01 19.99 -16.04
N THR B 239 -2.84 19.01 -16.91
CA THR B 239 -3.69 18.80 -18.11
C THR B 239 -4.24 17.38 -18.07
N ILE B 240 -5.56 17.21 -18.16
CA ILE B 240 -6.23 15.91 -17.97
C ILE B 240 -7.10 15.66 -19.18
N ALA B 241 -7.05 14.46 -19.74
CA ALA B 241 -7.92 14.04 -20.86
C ALA B 241 -8.70 12.83 -20.42
N PRO B 242 -10.04 12.91 -20.19
CA PRO B 242 -10.85 11.73 -19.95
C PRO B 242 -10.77 10.79 -21.15
N LEU B 243 -10.83 9.48 -20.94
CA LEU B 243 -10.73 8.49 -22.01
C LEU B 243 -11.87 7.49 -21.85
N ASN B 244 -12.54 7.14 -22.94
CA ASN B 244 -13.62 6.13 -22.95
C ASN B 244 -14.65 6.54 -21.91
N SER B 245 -15.06 7.79 -21.92
CA SER B 245 -16.11 8.34 -21.02
C SER B 245 -17.46 7.76 -21.42
N GLU B 246 -18.28 7.43 -20.45
CA GLU B 246 -19.59 6.78 -20.65
C GLU B 246 -20.49 7.33 -19.57
N PHE B 247 -21.54 8.06 -19.90
CA PHE B 247 -22.50 8.62 -18.92
C PHE B 247 -23.84 7.93 -19.10
N SER B 248 -24.64 7.80 -18.05
CA SER B 248 -25.96 7.11 -18.10
C SER B 248 -26.88 7.64 -17.01
N GLY B 249 -28.18 7.43 -17.14
CA GLY B 249 -29.16 7.90 -16.17
C GLY B 249 -29.39 9.38 -16.32
N LEU B 250 -29.91 9.80 -17.45
CA LEU B 250 -30.11 11.24 -17.77
C LEU B 250 -31.24 11.80 -16.93
N ARG B 251 -31.06 13.00 -16.39
CA ARG B 251 -32.09 13.74 -15.61
C ARG B 251 -31.73 15.22 -15.62
N GLN B 252 -32.37 15.97 -14.75
CA GLN B 252 -32.12 17.38 -14.50
C GLN B 252 -30.67 17.58 -14.07
N ALA B 253 -30.02 18.57 -14.65
CA ALA B 253 -28.61 18.89 -14.38
C ALA B 253 -28.50 19.23 -12.90
N ILE B 254 -27.59 18.58 -12.20
CA ILE B 254 -27.30 18.85 -10.77
C ILE B 254 -25.83 19.27 -10.66
N LYS B 255 -25.52 20.40 -10.01
CA LYS B 255 -24.11 20.81 -9.80
C LYS B 255 -23.77 20.38 -8.40
N GLN B 256 -22.84 19.44 -8.25
CA GLN B 256 -22.37 18.96 -6.93
C GLN B 256 -23.57 18.73 -5.99
N GLY C 1 -16.28 -45.06 11.95
CA GLY C 1 -17.57 -44.35 11.80
C GLY C 1 -18.12 -44.00 13.16
N LEU C 2 -18.98 -44.84 13.73
CA LEU C 2 -19.66 -44.54 15.00
C LEU C 2 -18.64 -44.59 16.14
N PRO C 3 -17.85 -45.67 16.40
CA PRO C 3 -16.84 -45.60 17.45
C PRO C 3 -15.73 -44.58 17.16
N THR C 4 -15.68 -43.49 17.91
CA THR C 4 -14.69 -42.41 17.75
C THR C 4 -14.03 -42.20 19.09
N GLU C 5 -12.82 -41.67 19.14
CA GLU C 5 -12.24 -41.17 20.41
C GLU C 5 -11.52 -39.84 20.15
N LEU C 6 -11.98 -38.79 20.84
CA LEU C 6 -11.42 -37.42 20.85
C LEU C 6 -9.97 -37.42 21.31
N LYS C 7 -9.10 -36.72 20.59
CA LYS C 7 -7.65 -36.63 20.88
C LYS C 7 -7.40 -35.23 21.42
N PRO C 8 -6.23 -34.95 22.02
CA PRO C 8 -5.91 -33.60 22.44
C PRO C 8 -6.08 -32.63 21.26
N GLY C 9 -6.44 -31.39 21.56
CA GLY C 9 -6.72 -30.36 20.55
C GLY C 9 -8.21 -30.15 20.37
N THR C 10 -9.07 -30.98 20.97
CA THR C 10 -10.53 -30.82 20.91
C THR C 10 -10.96 -29.60 21.74
N ASN C 11 -12.04 -28.98 21.30
CA ASN C 11 -12.69 -27.81 21.92
C ASN C 11 -11.70 -26.66 22.01
N GLN C 12 -10.64 -26.62 21.19
CA GLN C 12 -9.68 -25.51 21.24
C GLN C 12 -10.01 -24.63 20.05
N PHE C 13 -9.58 -23.37 20.07
CA PHE C 13 -9.73 -22.44 18.94
C PHE C 13 -8.37 -21.86 18.62
N LEU C 14 -7.69 -22.47 17.65
CA LEU C 14 -6.44 -21.98 16.99
C LEU C 14 -6.87 -20.96 15.95
N THR C 15 -6.38 -19.73 16.06
CA THR C 15 -6.81 -18.61 15.20
C THR C 15 -6.37 -18.89 13.76
N THR C 16 -5.20 -19.51 13.57
CA THR C 16 -4.63 -19.75 12.23
C THR C 16 -5.01 -21.15 11.75
N ASP C 17 -6.01 -21.78 12.36
CA ASP C 17 -6.54 -23.08 11.85
C ASP C 17 -7.38 -22.78 10.61
N ASP C 18 -7.04 -23.41 9.47
CA ASP C 18 -7.83 -23.36 8.22
C ASP C 18 -8.84 -24.50 8.28
N GLY C 19 -10.11 -24.17 8.53
CA GLY C 19 -11.20 -25.13 8.70
C GLY C 19 -12.48 -24.67 8.01
N THR C 20 -13.50 -25.49 8.10
CA THR C 20 -14.87 -25.22 7.62
C THR C 20 -15.70 -24.81 8.84
N SER C 21 -16.64 -23.91 8.66
CA SER C 21 -17.67 -23.53 9.65
C SER C 21 -19.04 -23.55 8.98
N PRO C 22 -20.13 -23.86 9.70
CA PRO C 22 -21.44 -23.88 9.07
C PRO C 22 -21.86 -22.53 8.52
N PRO C 23 -22.35 -22.43 7.27
CA PRO C 23 -22.74 -21.14 6.70
C PRO C 23 -24.01 -20.55 7.33
N ILE C 24 -24.08 -19.23 7.52
CA ILE C 24 -25.22 -18.59 8.22
C ILE C 24 -26.36 -18.29 7.26
N LEU C 25 -26.16 -18.38 5.96
CA LEU C 25 -27.18 -17.95 4.97
C LEU C 25 -27.28 -18.97 3.86
N PRO C 26 -28.17 -19.96 3.95
CA PRO C 26 -28.39 -20.87 2.85
C PRO C 26 -28.69 -20.15 1.54
N GLY C 27 -28.06 -20.61 0.46
CA GLY C 27 -28.44 -20.32 -0.93
C GLY C 27 -28.07 -18.93 -1.34
N PHE C 28 -27.24 -18.25 -0.55
CA PHE C 28 -26.80 -16.86 -0.79
C PHE C 28 -25.85 -16.85 -1.96
N GLU C 29 -26.13 -16.07 -3.01
CA GLU C 29 -25.21 -15.90 -4.16
C GLU C 29 -24.59 -14.52 -4.04
N PRO C 30 -23.25 -14.37 -3.90
CA PRO C 30 -22.65 -13.05 -3.74
C PRO C 30 -22.77 -12.23 -5.03
N THR C 31 -22.61 -10.91 -4.94
CA THR C 31 -22.62 -9.99 -6.09
C THR C 31 -21.68 -10.53 -7.14
N PRO C 32 -21.98 -10.48 -8.44
CA PRO C 32 -21.02 -10.86 -9.45
C PRO C 32 -19.71 -10.09 -9.31
N LEU C 33 -18.56 -10.75 -9.49
CA LEU C 33 -17.23 -10.10 -9.47
C LEU C 33 -16.99 -9.43 -10.81
N ILE C 34 -16.89 -8.10 -10.88
CA ILE C 34 -16.47 -7.35 -12.10
C ILE C 34 -14.96 -7.26 -12.12
N HIS C 35 -14.39 -6.93 -13.27
CA HIS C 35 -12.93 -6.77 -13.46
C HIS C 35 -12.53 -5.46 -12.83
N ILE C 36 -11.56 -5.48 -11.93
CA ILE C 36 -10.98 -4.28 -11.27
C ILE C 36 -9.49 -4.28 -11.61
N PRO C 37 -8.89 -3.18 -12.10
CA PRO C 37 -7.47 -3.16 -12.36
C PRO C 37 -6.66 -3.21 -11.06
N GLY C 38 -5.42 -3.71 -11.15
CA GLY C 38 -4.44 -3.66 -10.06
C GLY C 38 -4.73 -4.71 -9.01
N GLU C 39 -5.15 -5.91 -9.39
CA GLU C 39 -5.26 -7.06 -8.47
C GLU C 39 -3.85 -7.50 -8.10
N PHE C 40 -3.57 -7.71 -6.82
CA PHE C 40 -2.31 -8.35 -6.40
C PHE C 40 -2.62 -9.60 -5.58
N THR C 41 -1.85 -10.66 -5.79
CA THR C 41 -2.10 -11.97 -5.16
C THR C 41 -0.95 -12.36 -4.24
N SER C 42 0.13 -11.59 -4.20
CA SER C 42 1.41 -11.91 -3.49
C SER C 42 1.98 -10.62 -2.93
N LEU C 43 2.63 -10.71 -1.78
CA LEU C 43 3.22 -9.54 -1.12
C LEU C 43 4.67 -9.40 -1.52
N LEU C 44 5.23 -10.38 -2.25
CA LEU C 44 6.59 -10.25 -2.83
C LEU C 44 6.51 -9.35 -4.06
N ASP C 45 5.37 -9.31 -4.76
CA ASP C 45 5.10 -8.31 -5.83
C ASP C 45 5.20 -6.90 -5.24
N LEU C 46 4.63 -6.70 -4.06
CA LEU C 46 4.65 -5.39 -3.37
C LEU C 46 6.06 -5.04 -2.92
N CYS C 47 6.90 -6.03 -2.61
CA CYS C 47 8.29 -5.80 -2.14
C CYS C 47 9.20 -5.37 -3.29
N ARG C 48 8.91 -5.75 -4.52
CA ARG C 48 9.70 -5.38 -5.70
C ARG C 48 9.33 -3.99 -6.21
N ILE C 49 8.60 -3.17 -5.47
CA ILE C 49 8.37 -1.74 -5.83
C ILE C 49 9.40 -0.85 -5.11
N GLU C 50 10.08 0.04 -5.84
CA GLU C 50 11.02 1.03 -5.26
C GLU C 50 10.18 2.04 -4.50
N THR C 51 10.48 2.23 -3.23
CA THR C 51 9.87 3.28 -2.37
C THR C 51 11.02 3.99 -1.65
N ILE C 52 10.82 5.22 -1.19
CA ILE C 52 11.92 6.12 -0.74
C ILE C 52 12.44 5.63 0.61
N LEU C 53 13.75 5.56 0.80
CA LEU C 53 14.44 5.29 2.09
C LEU C 53 14.58 6.60 2.85
N GLU C 54 14.34 6.60 4.15
CA GLU C 54 14.46 7.80 5.01
C GLU C 54 15.88 7.82 5.56
N VAL C 55 16.86 8.02 4.68
CA VAL C 55 18.32 8.03 5.01
C VAL C 55 18.60 9.22 5.94
N ASN C 56 17.96 10.37 5.73
CA ASN C 56 18.18 11.58 6.56
C ASN C 56 17.25 11.49 7.77
N ASN C 57 17.19 10.35 8.46
CA ASN C 57 16.37 10.17 9.68
C ASN C 57 17.18 10.69 10.86
N THR C 58 17.42 12.00 10.94
CA THR C 58 18.27 12.62 12.00
C THR C 58 17.43 13.42 12.98
N THR C 59 18.02 13.83 14.10
CA THR C 59 17.34 14.55 15.21
C THR C 59 16.63 15.78 14.65
N GLY C 60 17.36 16.62 13.92
CA GLY C 60 16.89 17.93 13.41
C GLY C 60 15.90 17.81 12.27
N THR C 61 16.24 17.05 11.22
CA THR C 61 15.49 16.99 9.94
C THR C 61 14.03 16.61 10.18
N THR C 62 13.11 17.22 9.44
CA THR C 62 11.65 17.06 9.63
C THR C 62 10.91 17.01 8.29
N GLY C 63 9.83 16.22 8.25
CA GLY C 63 8.94 16.07 7.08
C GLY C 63 9.66 15.49 5.87
N VAL C 64 9.49 16.11 4.71
CA VAL C 64 9.98 15.55 3.42
C VAL C 64 11.51 15.68 3.37
N ASN C 65 12.10 16.58 4.16
CA ASN C 65 13.57 16.76 4.25
C ASN C 65 14.25 15.45 4.69
N ARG C 66 13.56 14.63 5.48
CA ARG C 66 14.10 13.33 5.95
C ARG C 66 14.31 12.36 4.78
N LEU C 67 13.79 12.63 3.59
CA LEU C 67 13.89 11.72 2.42
C LEU C 67 14.98 12.18 1.47
N LEU C 68 15.83 13.13 1.85
CA LEU C 68 16.87 13.70 0.95
C LEU C 68 18.25 13.57 1.57
N ILE C 69 19.20 12.94 0.85
CA ILE C 69 20.63 12.87 1.21
C ILE C 69 21.27 14.13 0.65
N PRO C 70 21.70 15.11 1.47
CA PRO C 70 22.32 16.32 0.95
C PRO C 70 23.72 16.03 0.40
N VAL C 71 24.09 16.70 -0.69
CA VAL C 71 25.40 16.59 -1.40
C VAL C 71 25.88 18.00 -1.68
N ARG C 72 27.18 18.24 -1.75
CA ARG C 72 27.69 19.58 -2.08
C ARG C 72 29.14 19.48 -2.54
N ALA C 73 29.62 20.51 -3.22
CA ALA C 73 31.03 20.71 -3.59
C ALA C 73 31.83 20.67 -2.30
N GLN C 74 32.85 19.83 -2.24
CA GLN C 74 33.67 19.56 -1.04
C GLN C 74 34.99 20.28 -1.21
N ASN C 75 35.52 20.90 -0.16
CA ASN C 75 36.93 21.41 -0.12
C ASN C 75 37.91 20.24 0.01
N ASN C 76 37.49 19.14 0.65
CA ASN C 76 38.35 17.97 0.95
C ASN C 76 37.77 16.75 0.27
N VAL C 77 38.62 16.01 -0.45
CA VAL C 77 38.29 14.71 -1.11
C VAL C 77 37.94 13.65 -0.04
N ASP C 78 37.18 12.62 -0.45
CA ASP C 78 36.98 11.36 0.32
C ASP C 78 36.43 11.66 1.72
N GLN C 79 35.39 12.49 1.79
CA GLN C 79 34.55 12.63 3.02
C GLN C 79 33.29 11.77 2.83
N LEU C 80 32.74 11.29 3.95
CA LEU C 80 31.58 10.36 3.91
C LEU C 80 30.29 11.16 3.74
N CYS C 81 29.54 10.90 2.69
CA CYS C 81 28.33 11.66 2.34
C CYS C 81 27.14 11.21 3.20
N ALA C 82 26.84 9.92 3.21
CA ALA C 82 25.82 9.31 4.10
C ALA C 82 26.16 7.86 4.35
N SER C 83 25.43 7.19 5.23
CA SER C 83 25.65 5.77 5.59
C SER C 83 24.39 5.19 6.19
N PHE C 84 23.95 4.00 5.81
CA PHE C 84 22.81 3.31 6.43
C PHE C 84 22.98 1.80 6.40
N GLN C 85 22.52 1.08 7.42
CA GLN C 85 22.50 -0.40 7.45
C GLN C 85 21.39 -0.96 6.57
N VAL C 86 21.54 -2.18 6.06
CA VAL C 86 20.67 -2.69 4.95
C VAL C 86 19.89 -3.92 5.39
N ASP C 87 19.49 -3.96 6.65
CA ASP C 87 18.63 -5.04 7.22
C ASP C 87 17.23 -4.44 7.33
N PRO C 88 16.23 -4.86 6.53
CA PRO C 88 14.94 -4.18 6.50
C PRO C 88 14.22 -4.09 7.86
N GLY C 89 14.39 -5.10 8.71
CA GLY C 89 13.76 -5.14 10.03
C GLY C 89 14.22 -4.02 10.93
N ARG C 90 15.47 -3.60 10.85
CA ARG C 90 16.08 -2.69 11.85
C ARG C 90 15.38 -1.33 11.79
N ASN C 91 15.08 -0.75 12.96
CA ASN C 91 14.56 0.63 13.11
C ASN C 91 15.56 1.56 12.43
N GLY C 92 15.16 2.29 11.39
CA GLY C 92 16.11 3.07 10.57
C GLY C 92 15.55 3.38 9.19
N PRO C 93 16.40 3.76 8.21
CA PRO C 93 15.93 4.22 6.93
C PRO C 93 15.00 3.27 6.18
N TRP C 94 15.06 1.96 6.45
CA TRP C 94 14.24 0.95 5.75
C TRP C 94 12.80 0.98 6.23
N GLN C 95 12.49 1.65 7.32
CA GLN C 95 11.13 1.60 7.88
C GLN C 95 10.21 2.31 6.92
N SER C 96 10.73 3.24 6.14
CA SER C 96 9.90 4.09 5.27
C SER C 96 9.58 3.39 3.96
N THR C 97 10.05 2.17 3.73
CA THR C 97 9.86 1.47 2.44
C THR C 97 8.80 0.41 2.62
N MET C 98 8.08 0.06 1.55
CA MET C 98 7.03 -0.97 1.55
C MET C 98 7.68 -2.29 1.91
N VAL C 99 8.85 -2.58 1.35
CA VAL C 99 9.65 -3.82 1.66
C VAL C 99 9.94 -3.84 3.15
N GLY C 100 10.39 -2.74 3.74
CA GLY C 100 10.71 -2.70 5.17
C GLY C 100 9.49 -2.93 6.04
N GLN C 101 8.30 -2.56 5.57
CA GLN C 101 7.05 -2.65 6.37
C GLN C 101 6.46 -4.03 6.22
N ILE C 102 6.71 -4.71 5.11
CA ILE C 102 6.16 -6.07 4.86
C ILE C 102 7.08 -7.05 5.57
N CYS C 103 8.38 -6.79 5.61
CA CYS C 103 9.35 -7.61 6.36
C CYS C 103 8.94 -7.69 7.82
N ARG C 104 8.43 -6.63 8.41
CA ARG C 104 8.13 -6.60 9.86
C ARG C 104 6.89 -7.41 10.14
N TYR C 105 6.15 -7.85 9.12
CA TYR C 105 5.03 -8.82 9.26
C TYR C 105 5.53 -10.25 9.15
N TYR C 106 6.83 -10.48 8.95
CA TYR C 106 7.42 -11.83 8.84
C TYR C 106 8.66 -11.96 9.72
N THR C 107 9.08 -13.18 10.05
CA THR C 107 10.20 -13.40 11.00
C THR C 107 11.53 -13.46 10.25
N GLN C 108 11.58 -14.09 9.09
CA GLN C 108 12.84 -14.37 8.39
C GLN C 108 12.68 -13.92 6.95
N TRP C 109 13.77 -13.49 6.32
CA TRP C 109 13.78 -12.95 4.95
C TRP C 109 15.04 -13.42 4.27
N SER C 110 15.04 -13.45 2.95
CA SER C 110 16.19 -13.94 2.16
C SER C 110 16.17 -13.23 0.84
N GLY C 111 17.29 -13.25 0.13
CA GLY C 111 17.41 -12.73 -1.24
C GLY C 111 18.02 -11.35 -1.29
N SER C 112 18.35 -10.90 -2.50
CA SER C 112 19.08 -9.65 -2.77
C SER C 112 18.11 -8.52 -2.54
N LEU C 113 18.59 -7.41 -1.98
CA LEU C 113 17.86 -6.12 -1.91
C LEU C 113 18.37 -5.26 -3.04
N LYS C 114 17.82 -4.06 -3.19
CA LYS C 114 18.06 -3.19 -4.36
C LYS C 114 17.89 -1.75 -3.92
N VAL C 115 18.96 -0.97 -3.93
CA VAL C 115 18.88 0.49 -3.69
C VAL C 115 19.14 1.25 -4.99
N THR C 116 18.18 2.05 -5.43
CA THR C 116 18.28 2.97 -6.59
C THR C 116 18.50 4.38 -6.06
N PHE C 117 19.51 5.09 -6.53
CA PHE C 117 19.84 6.46 -6.09
C PHE C 117 19.58 7.40 -7.26
N MET C 118 18.65 8.34 -7.14
CA MET C 118 18.32 9.34 -8.17
C MET C 118 18.89 10.67 -7.70
N PHE C 119 19.72 11.31 -8.49
CA PHE C 119 20.37 12.61 -8.21
C PHE C 119 19.46 13.68 -8.76
N THR C 120 19.30 14.80 -8.06
CA THR C 120 18.33 15.87 -8.36
C THR C 120 19.02 17.23 -8.24
N GLY C 121 20.30 17.29 -8.65
CA GLY C 121 20.99 18.56 -8.90
C GLY C 121 20.58 19.13 -10.23
N SER C 122 21.12 20.28 -10.62
CA SER C 122 20.89 20.92 -11.94
C SER C 122 21.49 20.04 -13.01
N PHE C 123 21.09 20.18 -14.28
CA PHE C 123 21.68 19.50 -15.44
C PHE C 123 23.19 19.76 -15.49
N MET C 124 23.62 20.96 -15.10
CA MET C 124 25.02 21.44 -15.25
C MET C 124 25.92 20.81 -14.20
N ALA C 125 25.36 20.29 -13.12
CA ALA C 125 26.12 19.66 -12.02
C ALA C 125 26.62 18.30 -12.50
N THR C 126 27.91 17.99 -12.33
CA THR C 126 28.50 16.66 -12.59
C THR C 126 29.13 16.12 -11.31
N GLY C 127 29.41 14.83 -11.25
CA GLY C 127 30.10 14.22 -10.09
C GLY C 127 30.13 12.72 -10.19
N LYS C 128 30.95 12.08 -9.38
CA LYS C 128 30.99 10.61 -9.24
C LYS C 128 30.91 10.25 -7.76
N MET C 129 30.20 9.18 -7.44
CA MET C 129 29.94 8.71 -6.07
C MET C 129 30.28 7.23 -6.00
N LEU C 130 31.07 6.82 -5.04
CA LEU C 130 31.34 5.38 -4.78
C LEU C 130 30.33 4.90 -3.76
N ILE C 131 29.38 4.05 -4.15
CA ILE C 131 28.37 3.48 -3.21
C ILE C 131 28.81 2.06 -2.90
N ALA C 132 29.42 1.84 -1.74
CA ALA C 132 30.00 0.54 -1.32
C ALA C 132 29.04 -0.13 -0.37
N TYR C 133 28.95 -1.46 -0.42
CA TYR C 133 28.17 -2.30 0.51
C TYR C 133 29.15 -3.19 1.21
N THR C 134 29.23 -3.10 2.54
CA THR C 134 30.15 -3.92 3.37
C THR C 134 29.40 -5.11 3.96
N PRO C 135 29.80 -6.38 3.67
CA PRO C 135 29.23 -7.55 4.31
C PRO C 135 29.32 -7.52 5.83
N PRO C 136 28.59 -8.39 6.58
CA PRO C 136 28.42 -8.22 8.01
C PRO C 136 29.63 -8.11 8.94
N GLY C 137 30.81 -8.61 8.61
CA GLY C 137 31.85 -8.69 9.64
C GLY C 137 32.24 -7.35 10.23
N SER C 138 32.38 -6.32 9.39
CA SER C 138 33.17 -5.08 9.66
C SER C 138 32.28 -3.97 10.19
N ALA C 139 32.88 -2.93 10.76
CA ALA C 139 32.19 -1.68 11.18
C ALA C 139 31.96 -0.81 9.95
N GLN C 140 31.37 0.37 10.11
CA GLN C 140 31.17 1.31 8.97
C GLN C 140 32.54 1.81 8.54
N PRO C 141 32.98 1.61 7.27
CA PRO C 141 34.30 2.05 6.84
C PRO C 141 34.59 3.50 7.22
N THR C 142 35.74 3.75 7.82
CA THR C 142 36.17 5.09 8.28
C THR C 142 36.76 5.89 7.11
N THR C 143 37.36 5.23 6.12
CA THR C 143 37.95 5.87 4.90
C THR C 143 37.36 5.19 3.66
N ARG C 144 37.42 5.87 2.52
CA ARG C 144 36.96 5.32 1.21
C ARG C 144 37.78 4.08 0.82
N GLU C 145 39.06 4.00 1.19
CA GLU C 145 39.97 2.86 0.84
C GLU C 145 39.49 1.60 1.56
N ALA C 146 38.91 1.74 2.75
CA ALA C 146 38.34 0.60 3.49
C ALA C 146 37.09 0.11 2.75
N ALA C 147 36.23 1.02 2.28
CA ALA C 147 34.91 0.70 1.71
C ALA C 147 35.07 0.06 0.35
N MET C 148 36.04 0.54 -0.45
CA MET C 148 36.20 0.09 -1.85
C MET C 148 36.45 -1.42 -1.85
N LEU C 149 36.79 -2.06 -0.73
CA LEU C 149 37.14 -3.50 -0.73
C LEU C 149 35.88 -4.33 -0.67
N GLY C 150 34.71 -3.71 -0.53
CA GLY C 150 33.41 -4.42 -0.50
C GLY C 150 32.65 -4.22 -1.80
N THR C 151 31.47 -4.79 -1.94
CA THR C 151 30.71 -4.70 -3.19
C THR C 151 30.38 -3.24 -3.42
N HIS C 152 30.94 -2.60 -4.45
CA HIS C 152 30.66 -1.17 -4.69
C HIS C 152 30.35 -0.91 -6.14
N ILE C 153 29.70 0.21 -6.39
CA ILE C 153 29.40 0.76 -7.73
C ILE C 153 29.91 2.19 -7.73
N VAL C 154 30.71 2.57 -8.70
CA VAL C 154 31.01 4.00 -8.97
C VAL C 154 29.92 4.50 -9.91
N TRP C 155 29.24 5.57 -9.52
CA TRP C 155 28.07 6.15 -10.19
C TRP C 155 28.44 7.49 -10.77
N ASP C 156 28.31 7.66 -12.09
CA ASP C 156 28.58 8.93 -12.79
C ASP C 156 27.25 9.61 -13.08
N PHE C 157 27.06 10.85 -12.65
CA PHE C 157 25.87 11.69 -12.98
C PHE C 157 25.92 12.09 -14.45
N GLY C 158 24.83 11.90 -15.18
CA GLY C 158 24.70 12.29 -16.60
C GLY C 158 23.25 12.36 -16.97
N LEU C 159 22.88 12.04 -18.20
CA LEU C 159 21.46 12.11 -18.64
C LEU C 159 20.65 11.13 -17.79
N GLN C 160 21.13 9.90 -17.61
CA GLN C 160 20.50 8.90 -16.72
C GLN C 160 20.75 9.34 -15.27
N SER C 161 19.72 9.80 -14.57
CA SER C 161 19.87 10.40 -13.23
C SER C 161 19.98 9.32 -12.17
N SER C 162 19.67 8.07 -12.45
CA SER C 162 19.59 7.01 -11.42
C SER C 162 20.68 5.96 -11.63
N VAL C 163 21.00 5.23 -10.57
CA VAL C 163 21.89 4.03 -10.63
C VAL C 163 21.34 3.03 -9.64
N THR C 164 21.67 1.76 -9.74
CA THR C 164 21.14 0.71 -8.85
C THR C 164 22.31 -0.04 -8.22
N LEU C 165 22.40 -0.01 -6.90
CA LEU C 165 23.33 -0.86 -6.15
C LEU C 165 22.54 -2.09 -5.72
N VAL C 166 22.69 -3.20 -6.43
CA VAL C 166 22.11 -4.50 -5.97
C VAL C 166 22.93 -4.96 -4.77
N ILE C 167 22.35 -5.05 -3.57
CA ILE C 167 22.99 -5.62 -2.34
C ILE C 167 22.87 -7.12 -2.45
N PRO C 168 23.96 -7.85 -2.72
CA PRO C 168 23.85 -9.27 -2.95
C PRO C 168 23.56 -9.97 -1.64
N TRP C 169 22.90 -11.13 -1.68
CA TRP C 169 22.58 -11.94 -0.50
C TRP C 169 23.84 -12.70 -0.09
N ILE C 170 24.62 -12.14 0.83
CA ILE C 170 25.84 -12.79 1.38
C ILE C 170 25.49 -13.12 2.81
N SER C 171 24.89 -14.26 3.06
CA SER C 171 24.55 -14.71 4.43
C SER C 171 25.07 -16.11 4.68
N ASN C 172 25.50 -16.41 5.91
CA ASN C 172 25.84 -17.79 6.32
C ASN C 172 24.57 -18.64 6.25
N THR C 173 23.45 -18.12 6.76
CA THR C 173 22.14 -18.83 6.87
C THR C 173 21.39 -18.62 5.56
N HIS C 174 20.45 -19.52 5.23
CA HIS C 174 19.53 -19.37 4.08
C HIS C 174 18.57 -18.21 4.28
N PHE C 175 18.24 -17.85 5.53
CA PHE C 175 17.26 -16.80 5.89
C PHE C 175 17.81 -15.99 7.04
N ARG C 176 17.76 -14.68 7.02
CA ARG C 176 18.09 -13.84 8.19
C ARG C 176 16.82 -13.54 8.98
N ALA C 177 16.86 -13.53 10.30
CA ALA C 177 15.78 -12.97 11.14
C ALA C 177 15.68 -11.45 10.91
N VAL C 178 14.46 -10.95 10.71
CA VAL C 178 14.09 -9.51 10.63
C VAL C 178 14.50 -8.81 11.92
N LYS C 179 14.21 -9.40 13.08
CA LYS C 179 14.65 -8.86 14.40
C LYS C 179 16.17 -8.82 14.41
N THR C 180 16.74 -7.69 14.84
CA THR C 180 18.20 -7.48 14.96
C THR C 180 18.47 -6.79 16.30
N GLY C 181 19.75 -6.61 16.64
CA GLY C 181 20.19 -6.09 17.95
C GLY C 181 20.34 -7.22 18.96
N GLY C 182 21.37 -7.17 19.81
CA GLY C 182 21.67 -8.22 20.80
C GLY C 182 22.31 -9.40 20.11
N VAL C 183 21.94 -10.63 20.50
CA VAL C 183 22.49 -11.87 19.87
C VAL C 183 22.02 -11.92 18.41
N TYR C 184 20.89 -11.27 18.09
CA TYR C 184 20.32 -11.16 16.73
C TYR C 184 21.13 -10.24 15.80
N ASP C 185 22.24 -9.65 16.26
CA ASP C 185 23.22 -9.01 15.35
C ASP C 185 23.99 -10.07 14.57
N TYR C 186 23.75 -11.35 14.85
CA TYR C 186 24.21 -12.51 14.05
C TYR C 186 23.69 -12.37 12.62
N TYR C 187 22.51 -11.79 12.42
CA TYR C 187 21.87 -11.67 11.09
C TYR C 187 22.03 -10.26 10.52
N ALA C 188 22.91 -9.42 11.07
CA ALA C 188 23.16 -8.07 10.52
C ALA C 188 23.53 -8.25 9.05
N THR C 189 22.94 -7.46 8.15
CA THR C 189 23.15 -7.63 6.69
C THR C 189 24.41 -6.89 6.28
N GLY C 190 24.67 -5.71 6.84
CA GLY C 190 25.85 -4.91 6.47
C GLY C 190 25.54 -3.43 6.50
N ILE C 191 26.46 -2.60 6.02
CA ILE C 191 26.32 -1.12 5.96
C ILE C 191 26.46 -0.73 4.50
N VAL C 192 25.79 0.33 4.08
CA VAL C 192 25.98 0.94 2.74
C VAL C 192 26.39 2.36 2.98
N THR C 193 27.61 2.72 2.58
CA THR C 193 28.17 4.10 2.69
C THR C 193 28.30 4.70 1.30
N ILE C 194 28.09 6.00 1.18
CA ILE C 194 28.23 6.76 -0.08
C ILE C 194 29.40 7.69 0.10
N TRP C 195 30.48 7.52 -0.66
CA TRP C 195 31.68 8.38 -0.68
C TRP C 195 31.71 9.23 -1.95
N TYR C 196 32.46 10.32 -1.97
CA TYR C 196 32.66 11.15 -3.19
C TYR C 196 33.82 10.50 -3.93
N GLN C 197 33.60 9.95 -5.11
CA GLN C 197 34.68 9.35 -5.91
C GLN C 197 35.55 10.47 -6.44
N THR C 198 34.95 11.48 -7.05
CA THR C 198 35.52 12.82 -7.32
C THR C 198 34.64 13.82 -6.57
N ASN C 199 34.78 15.12 -6.78
CA ASN C 199 33.92 16.15 -6.14
C ASN C 199 32.63 16.40 -6.94
N PHE C 200 31.65 17.04 -6.32
CA PHE C 200 30.42 17.58 -6.97
C PHE C 200 30.77 18.93 -7.58
N VAL C 201 30.96 18.98 -8.90
CA VAL C 201 31.46 20.16 -9.66
C VAL C 201 30.30 20.85 -10.34
N VAL C 202 30.14 22.16 -10.17
CA VAL C 202 29.09 22.97 -10.86
C VAL C 202 29.76 24.17 -11.51
N PRO C 203 29.18 24.78 -12.57
CA PRO C 203 29.71 26.02 -13.12
C PRO C 203 29.24 27.20 -12.31
N PRO C 204 29.63 28.45 -12.64
CA PRO C 204 29.06 29.61 -11.97
C PRO C 204 27.53 29.67 -12.11
N ASP C 205 26.87 30.32 -11.15
CA ASP C 205 25.43 30.66 -11.23
C ASP C 205 24.61 29.37 -11.22
N THR C 206 25.10 28.30 -10.56
CA THR C 206 24.41 26.98 -10.39
C THR C 206 24.43 26.64 -8.92
N PRO C 207 23.36 26.08 -8.31
CA PRO C 207 23.43 25.68 -6.90
C PRO C 207 24.52 24.63 -6.64
N SER C 208 25.32 24.82 -5.61
CA SER C 208 26.47 23.96 -5.29
C SER C 208 26.08 22.91 -4.26
N GLU C 209 24.82 22.88 -3.85
CA GLU C 209 24.25 21.86 -2.93
C GLU C 209 23.04 21.28 -3.66
N ALA C 210 22.92 19.95 -3.72
CA ALA C 210 21.76 19.23 -4.31
C ALA C 210 21.36 18.09 -3.38
N ASN C 211 20.48 17.20 -3.84
CA ASN C 211 20.01 16.03 -3.07
C ASN C 211 20.16 14.75 -3.90
N ILE C 212 20.34 13.62 -3.21
CA ILE C 212 20.15 12.26 -3.77
C ILE C 212 18.95 11.64 -3.07
N ILE C 213 18.06 11.01 -3.83
CA ILE C 213 16.89 10.26 -3.31
C ILE C 213 17.19 8.78 -3.49
N ALA C 214 17.33 8.06 -2.38
CA ALA C 214 17.52 6.59 -2.32
C ALA C 214 16.16 5.92 -2.36
N LEU C 215 15.99 4.93 -3.23
CA LEU C 215 14.76 4.11 -3.33
C LEU C 215 15.12 2.65 -3.05
N GLY C 216 14.61 2.09 -1.97
CA GLY C 216 14.89 0.69 -1.61
C GLY C 216 13.81 -0.25 -2.14
N ALA C 217 14.19 -1.43 -2.56
CA ALA C 217 13.26 -2.51 -2.91
C ALA C 217 13.96 -3.84 -2.68
N ALA C 218 13.36 -4.91 -3.16
CA ALA C 218 13.90 -6.27 -3.14
C ALA C 218 14.00 -6.81 -4.57
N GLN C 219 14.90 -7.75 -4.82
CA GLN C 219 15.10 -8.42 -6.14
C GLN C 219 14.10 -9.57 -6.33
N GLU C 220 14.23 -10.33 -7.43
CA GLU C 220 13.31 -11.45 -7.77
C GLU C 220 13.54 -12.62 -6.83
N ASN C 221 14.77 -12.87 -6.36
CA ASN C 221 15.05 -14.00 -5.42
C ASN C 221 14.63 -13.67 -3.99
N PHE C 222 13.93 -12.58 -3.72
CA PHE C 222 13.53 -12.20 -2.35
C PHE C 222 12.39 -13.06 -1.86
N THR C 223 12.46 -13.53 -0.62
CA THR C 223 11.49 -14.45 0.02
C THR C 223 11.30 -14.04 1.48
N LEU C 224 10.12 -14.25 2.04
CA LEU C 224 9.78 -14.07 3.47
C LEU C 224 9.31 -15.38 4.06
N LYS C 225 9.18 -15.45 5.39
CA LYS C 225 8.80 -16.70 6.09
C LYS C 225 8.24 -16.37 7.47
N LEU C 226 7.25 -17.12 7.94
CA LEU C 226 6.73 -17.14 9.34
C LEU C 226 5.99 -15.83 9.69
N CYS C 227 4.84 -15.58 9.06
CA CYS C 227 3.92 -14.45 9.36
C CYS C 227 3.80 -14.23 10.86
N LYS C 228 4.05 -13.01 11.31
CA LYS C 228 3.91 -12.57 12.72
C LYS C 228 3.31 -11.17 12.76
N ASP C 229 2.82 -10.73 13.91
CA ASP C 229 2.21 -9.39 14.01
C ASP C 229 3.36 -8.37 14.06
N THR C 230 3.09 -7.18 13.56
CA THR C 230 4.10 -6.12 13.36
C THR C 230 4.32 -5.36 14.67
N ASP C 231 5.45 -4.68 14.78
CA ASP C 231 5.81 -3.81 15.93
C ASP C 231 5.30 -2.38 15.68
N GLU C 232 4.98 -2.03 14.43
CA GLU C 232 5.08 -0.68 13.85
C GLU C 232 3.86 0.17 14.24
N ILE C 233 2.79 -0.41 14.79
CA ILE C 233 1.57 0.37 15.17
C ILE C 233 1.12 -0.09 16.55
N ARG C 234 0.48 0.78 17.31
CA ARG C 234 0.14 0.50 18.73
C ARG C 234 -1.12 1.27 19.05
N GLN C 235 -2.15 0.63 19.59
CA GLN C 235 -3.23 1.39 20.29
C GLN C 235 -2.96 1.19 21.77
N THR C 236 -3.72 1.87 22.63
CA THR C 236 -3.42 1.98 24.08
C THR C 236 -3.64 0.62 24.72
N ALA C 237 -4.84 0.04 24.54
CA ALA C 237 -5.20 -1.27 25.13
C ALA C 237 -6.06 -2.10 24.17
N GLU C 238 -6.50 -3.29 24.62
CA GLU C 238 -7.43 -4.19 23.88
C GLU C 238 -8.79 -3.51 23.64
N TYR C 239 -9.23 -2.54 24.47
CA TYR C 239 -10.54 -1.84 24.32
C TYR C 239 -10.35 -0.37 23.89
N GLN C 240 -10.25 -0.11 22.57
CA GLN C 240 -9.96 1.25 21.99
C GLN C 240 -10.58 1.38 20.57
N ASN C 241 -10.45 2.53 19.90
CA ASN C 241 -10.81 2.72 18.46
C ASN C 241 -9.52 2.91 17.64
N THR D 14 7.07 -33.12 -2.28
CA THR D 14 7.27 -31.62 -2.35
C THR D 14 6.20 -30.90 -1.49
N GLY D 15 6.36 -31.00 -0.17
CA GLY D 15 5.53 -30.33 0.85
C GLY D 15 6.41 -29.58 1.84
N ASN D 16 5.83 -29.20 2.97
CA ASN D 16 6.51 -28.44 4.06
C ASN D 16 6.82 -29.37 5.25
N ILE D 17 6.85 -30.68 5.00
CA ILE D 17 7.05 -31.77 6.02
C ILE D 17 8.49 -31.75 6.56
N ALA D 18 9.46 -31.21 5.81
CA ALA D 18 10.89 -31.08 6.23
C ALA D 18 11.57 -32.46 6.39
N THR D 19 11.12 -33.45 5.60
CA THR D 19 11.65 -34.85 5.56
C THR D 19 10.94 -35.66 4.45
N GLU D 20 11.53 -36.78 4.00
CA GLU D 20 10.92 -37.74 3.03
C GLU D 20 9.59 -38.28 3.61
N GLY D 21 8.50 -38.20 2.82
CA GLY D 21 7.15 -38.67 3.21
C GLY D 21 6.02 -37.84 2.59
N SER D 22 4.93 -38.49 2.17
CA SER D 22 3.75 -37.85 1.52
C SER D 22 2.44 -38.20 2.25
N THR D 23 2.33 -39.47 2.70
CA THR D 23 1.20 -40.08 3.49
C THR D 23 -0.07 -40.13 2.62
N ILE D 24 -1.23 -39.80 3.18
CA ILE D 24 -2.56 -39.75 2.49
C ILE D 24 -3.23 -38.43 2.87
N ASN D 25 -3.89 -37.75 1.93
CA ASN D 25 -4.33 -36.35 2.15
C ASN D 25 -5.85 -36.28 2.06
N PHE D 26 -6.54 -36.68 3.14
CA PHE D 26 -7.99 -36.42 3.29
C PHE D 26 -8.24 -35.00 3.82
N THR D 27 -8.07 -33.96 3.01
CA THR D 27 -8.18 -32.54 3.42
C THR D 27 -8.97 -31.75 2.38
N ASN D 28 -9.32 -30.50 2.70
CA ASN D 28 -10.00 -29.55 1.78
C ASN D 28 -11.36 -30.11 1.41
N ILE D 29 -12.13 -30.59 2.39
CA ILE D 29 -13.48 -31.17 2.15
C ILE D 29 -14.51 -30.17 2.61
N ASN D 30 -15.49 -29.84 1.74
CA ASN D 30 -16.66 -29.00 2.14
C ASN D 30 -17.79 -29.90 2.58
N TYR D 31 -18.30 -29.73 3.81
CA TYR D 31 -19.43 -30.54 4.31
C TYR D 31 -20.77 -29.82 4.20
N TYR D 32 -20.88 -28.70 3.48
CA TYR D 32 -22.11 -27.87 3.43
C TYR D 32 -22.47 -27.59 1.98
N LYS D 33 -23.75 -27.37 1.70
CA LYS D 33 -24.21 -27.10 0.32
C LYS D 33 -23.72 -25.74 -0.19
N ASP D 34 -23.38 -24.80 0.69
CA ASP D 34 -22.79 -23.49 0.28
C ASP D 34 -21.29 -23.64 0.15
N SER D 35 -20.74 -23.23 -0.99
CA SER D 35 -19.30 -23.40 -1.30
C SER D 35 -18.50 -22.37 -0.52
N TYR D 36 -19.09 -21.28 -0.04
CA TYR D 36 -18.31 -20.29 0.75
C TYR D 36 -18.06 -20.82 2.15
N ALA D 37 -18.62 -21.96 2.52
CA ALA D 37 -18.34 -22.63 3.80
C ALA D 37 -16.98 -23.33 3.76
N ALA D 38 -16.39 -23.51 2.58
CA ALA D 38 -15.16 -24.29 2.35
C ALA D 38 -13.98 -23.62 3.01
N SER D 39 -12.95 -24.39 3.36
CA SER D 39 -11.62 -23.97 3.85
C SER D 39 -10.95 -22.99 2.90
N ALA D 40 -10.08 -22.12 3.41
CA ALA D 40 -9.28 -21.13 2.64
C ALA D 40 -8.73 -21.77 1.35
N SER D 41 -8.98 -21.15 0.20
CA SER D 41 -8.54 -21.61 -1.14
C SER D 41 -7.10 -21.15 -1.33
N ARG D 42 -6.13 -21.96 -0.94
CA ARG D 42 -4.70 -21.60 -0.96
C ARG D 42 -3.91 -22.67 -1.68
N GLN D 43 -4.54 -23.32 -2.66
CA GLN D 43 -3.86 -24.32 -3.50
C GLN D 43 -2.95 -23.57 -4.49
N ASP D 44 -3.40 -22.41 -4.96
CA ASP D 44 -2.80 -21.68 -6.12
C ASP D 44 -2.03 -20.46 -5.61
N PHE D 45 -0.81 -20.28 -6.11
CA PHE D 45 0.05 -19.10 -5.87
C PHE D 45 0.29 -18.43 -7.22
N THR D 46 0.12 -17.11 -7.31
CA THR D 46 0.41 -16.31 -8.54
C THR D 46 1.40 -15.18 -8.18
N GLN D 47 2.45 -15.03 -8.98
CA GLN D 47 3.39 -13.91 -8.82
C GLN D 47 3.51 -13.20 -10.17
N ASP D 48 2.67 -12.17 -10.41
CA ASP D 48 2.81 -11.21 -11.54
C ASP D 48 3.13 -9.81 -11.01
N PRO D 49 4.41 -9.46 -10.81
CA PRO D 49 4.76 -8.15 -10.26
C PRO D 49 4.76 -6.96 -11.24
N THR D 50 4.76 -7.19 -12.55
CA THR D 50 5.03 -6.15 -13.59
C THR D 50 3.97 -5.04 -13.56
N LYS D 51 2.72 -5.37 -13.30
CA LYS D 51 1.64 -4.34 -13.34
C LYS D 51 1.98 -3.23 -12.35
N PHE D 52 2.84 -3.48 -11.37
CA PHE D 52 3.29 -2.46 -10.38
C PHE D 52 4.73 -2.05 -10.60
N THR D 53 5.63 -2.93 -11.01
CA THR D 53 7.10 -2.61 -11.08
C THR D 53 7.46 -2.00 -12.43
N SER D 54 6.81 -2.39 -13.54
CA SER D 54 7.12 -1.89 -14.91
C SER D 54 5.83 -1.55 -15.64
N PRO D 55 5.05 -0.55 -15.19
CA PRO D 55 3.81 -0.18 -15.87
C PRO D 55 3.96 0.75 -17.09
N VAL D 56 5.18 1.02 -17.56
CA VAL D 56 5.46 1.97 -18.66
C VAL D 56 5.09 1.35 -20.01
N LEU D 57 4.73 2.15 -21.02
CA LEU D 57 4.34 1.67 -22.39
C LEU D 57 5.56 1.09 -23.10
N ASP D 58 6.61 1.88 -23.28
CA ASP D 58 7.88 1.43 -23.90
C ASP D 58 8.61 0.56 -22.87
N ALA D 59 8.52 -0.76 -22.99
CA ALA D 59 9.29 -1.71 -22.17
C ALA D 59 10.77 -1.35 -22.36
N ILE D 60 11.52 -1.24 -21.27
CA ILE D 60 12.96 -0.92 -21.30
C ILE D 60 13.73 -2.21 -21.07
N LYS D 61 14.62 -2.59 -22.00
CA LYS D 61 15.62 -3.67 -21.82
C LYS D 61 16.58 -3.31 -20.69
N GLU D 62 17.16 -4.32 -20.06
CA GLU D 62 18.07 -4.15 -18.90
C GLU D 62 19.33 -3.40 -19.35
N ALA D 63 19.95 -3.87 -20.43
CA ALA D 63 21.24 -3.38 -20.97
C ALA D 63 21.12 -1.91 -21.37
N ALA D 64 20.13 -1.55 -22.19
CA ALA D 64 20.02 -0.21 -22.80
C ALA D 64 19.82 0.85 -21.71
N ALA D 65 20.50 2.00 -21.82
CA ALA D 65 20.28 3.26 -21.06
C ALA D 65 18.85 3.74 -21.29
N PRO D 66 17.97 3.88 -20.26
CA PRO D 66 16.53 4.01 -20.47
C PRO D 66 16.03 5.16 -21.36
N LEU D 67 16.58 6.37 -21.20
CA LEU D 67 16.15 7.57 -21.97
C LEU D 67 17.19 7.90 -23.02
N GLN D 68 16.78 8.04 -24.28
CA GLN D 68 17.71 8.36 -25.40
C GLN D 68 17.01 9.26 -26.42
#